data_9AWY
#
_entry.id   9AWY
#
_cell.length_a   46.815
_cell.length_b   63.593
_cell.length_c   87.432
_cell.angle_alpha   84.368
_cell.angle_beta   85.386
_cell.angle_gamma   80.078
#
_symmetry.space_group_name_H-M   'P 1'
#
loop_
_entity.id
_entity.type
_entity.pdbx_description
1 polymer 'H9 Immunoglobulin Light Chain'
2 non-polymer 'PHOSPHATE ION'
3 non-polymer 3-(2-{4-[(3R)-3-ethyl-3-phenylpyrrolidin-1-yl]-6-methyl-2-oxopyridin-1(2H)-yl}ethyl)-8-[(4R)-imidazo[1,5-a]pyrazin-8-yl]-1,3,8-triazaspiro[4.5]decan-2-one
4 water water
#
_entity_poly.entity_id   1
_entity_poly.type   'polypeptide(L)'
_entity_poly.pdbx_seq_one_letter_code
;QSALTQPPSASGSPGQSVTISCTGTSSDVGGSDSVSWYQQHPGKAPKLIIYEVSQRPSGVPNRFSGSKSGNTASLTVSGL
QAEDDADYYCSSYGGDNNLFFGGGTKVTVLGQPKAAPSVTLFPPSSEELQANKATLVCLISDFYPGAVTVAWKADSSPVK
AGVETTTPSKQSNNKYAASSYLSLTPEQWKSHRSYSCQVTHEGSTVEKTVAPTECS
;
_entity_poly.pdbx_strand_id   A,B,C,D
#
loop_
_chem_comp.id
_chem_comp.type
_chem_comp.name
_chem_comp.formula
A1AH0 non-polymer 3-(2-{4-[(3R)-3-ethyl-3-phenylpyrrolidin-1-yl]-6-methyl-2-oxopyridin-1(2H)-yl}ethyl)-8-[(4R)-imidazo[1,5-a]pyrazin-8-yl]-1,3,8-triazaspiro[4.5]decan-2-one 'C33 H40 N8 O2'
PO4 non-polymer 'PHOSPHATE ION' 'O4 P -3'
#
# COMPACT_ATOMS: atom_id res chain seq x y z
N SER A 2 -12.16 -24.46 2.84
CA SER A 2 -12.81 -25.76 2.75
C SER A 2 -11.92 -26.77 2.02
N ALA A 3 -12.12 -28.05 2.33
CA ALA A 3 -11.28 -29.09 1.74
C ALA A 3 -11.43 -29.12 0.22
N LEU A 4 -12.65 -28.92 -0.29
CA LEU A 4 -12.92 -28.89 -1.71
C LEU A 4 -13.17 -27.46 -2.15
N THR A 5 -12.84 -27.17 -3.40
CA THR A 5 -12.95 -25.83 -3.96
C THR A 5 -14.13 -25.76 -4.91
N GLN A 6 -15.09 -24.89 -4.59
CA GLN A 6 -16.17 -24.53 -5.49
C GLN A 6 -16.07 -23.05 -5.83
N PRO A 7 -16.41 -22.65 -7.05
CA PRO A 7 -16.54 -21.22 -7.34
C PRO A 7 -17.61 -20.62 -6.46
N PRO A 8 -17.39 -19.42 -5.92
CA PRO A 8 -18.38 -18.87 -4.99
C PRO A 8 -19.75 -18.63 -5.62
N SER A 9 -19.83 -18.38 -6.92
CA SER A 9 -21.12 -18.06 -7.52
C SER A 9 -21.20 -18.51 -8.97
N ALA A 10 -22.44 -18.66 -9.44
CA ALA A 10 -22.76 -18.90 -10.83
C ALA A 10 -24.11 -18.23 -11.12
N SER A 11 -24.42 -18.01 -12.40
CA SER A 11 -25.71 -17.45 -12.73
C SER A 11 -26.17 -17.88 -14.12
N GLY A 12 -27.47 -17.80 -14.34
CA GLY A 12 -28.04 -17.95 -15.66
C GLY A 12 -29.43 -17.36 -15.69
N SER A 13 -29.95 -17.14 -16.90
CA SER A 13 -31.33 -16.71 -17.00
C SER A 13 -32.23 -17.92 -17.14
N PRO A 14 -33.53 -17.75 -16.86
CA PRO A 14 -34.45 -18.89 -16.97
C PRO A 14 -34.28 -19.61 -18.30
N GLY A 15 -34.19 -20.94 -18.22
CA GLY A 15 -34.06 -21.79 -19.38
C GLY A 15 -32.64 -22.12 -19.78
N GLN A 16 -31.66 -21.36 -19.30
CA GLN A 16 -30.27 -21.65 -19.60
C GLN A 16 -29.76 -22.79 -18.72
N SER A 17 -28.56 -23.27 -19.03
CA SER A 17 -27.89 -24.28 -18.25
C SER A 17 -26.70 -23.65 -17.54
N VAL A 18 -26.38 -24.18 -16.36
CA VAL A 18 -25.22 -23.75 -15.60
C VAL A 18 -24.47 -25.00 -15.16
N THR A 19 -23.14 -24.93 -15.18
CA THR A 19 -22.29 -25.99 -14.67
C THR A 19 -21.40 -25.40 -13.59
N ILE A 20 -21.40 -26.01 -12.43
CA ILE A 20 -20.57 -25.56 -11.32
C ILE A 20 -19.66 -26.70 -10.90
N SER A 21 -18.43 -26.36 -10.57
CA SER A 21 -17.35 -27.33 -10.40
C SER A 21 -16.98 -27.49 -8.93
N CYS A 22 -16.27 -28.59 -8.67
CA CYS A 22 -15.93 -29.01 -7.32
C CYS A 22 -14.60 -29.75 -7.41
N THR A 23 -13.52 -29.07 -7.04
CA THR A 23 -12.17 -29.56 -7.29
C THR A 23 -11.54 -30.00 -5.98
N GLY A 24 -10.97 -31.20 -5.98
CA GLY A 24 -10.26 -31.75 -4.84
C GLY A 24 -8.88 -32.24 -5.26
N THR A 25 -8.51 -33.39 -4.72
CA THR A 25 -7.25 -34.07 -5.02
C THR A 25 -7.52 -35.54 -5.37
N SER A 26 -6.46 -36.25 -5.76
CA SER A 26 -6.59 -37.66 -6.09
C SER A 26 -7.06 -38.48 -4.90
N SER A 27 -6.81 -38.03 -3.67
CA SER A 27 -7.17 -38.81 -2.50
C SER A 27 -8.59 -38.53 -2.00
N ASP A 28 -9.32 -37.62 -2.63
CA ASP A 28 -10.72 -37.42 -2.26
C ASP A 28 -11.60 -37.46 -3.51
N VAL A 29 -11.80 -36.32 -4.18
CA VAL A 29 -12.65 -36.31 -5.38
C VAL A 29 -12.16 -37.33 -6.40
N GLY A 30 -10.85 -37.42 -6.59
CA GLY A 30 -10.33 -38.30 -7.61
C GLY A 30 -10.07 -39.73 -7.17
N GLY A 31 -10.37 -40.06 -5.92
CA GLY A 31 -9.99 -41.36 -5.37
C GLY A 31 -11.11 -42.38 -5.36
N SER A 32 -12.34 -41.93 -5.57
CA SER A 32 -13.49 -42.82 -5.55
C SER A 32 -14.66 -42.10 -6.20
N ASP A 33 -15.76 -42.82 -6.40
CA ASP A 33 -16.96 -42.26 -6.99
C ASP A 33 -17.97 -41.88 -5.91
N SER A 34 -17.52 -41.05 -4.97
CA SER A 34 -18.29 -40.75 -3.77
C SER A 34 -18.76 -39.29 -3.71
N VAL A 35 -18.76 -38.56 -4.82
CA VAL A 35 -19.16 -37.16 -4.77
C VAL A 35 -20.66 -37.06 -4.57
N SER A 36 -21.08 -36.20 -3.65
CA SER A 36 -22.48 -35.83 -3.50
C SER A 36 -22.64 -34.33 -3.71
N TRP A 37 -23.85 -33.94 -4.10
CA TRP A 37 -24.23 -32.55 -4.22
C TRP A 37 -25.47 -32.30 -3.37
N TYR A 38 -25.50 -31.13 -2.73
CA TYR A 38 -26.60 -30.73 -1.87
C TYR A 38 -27.10 -29.35 -2.30
N GLN A 39 -28.41 -29.17 -2.26
CA GLN A 39 -29.07 -27.91 -2.61
C GLN A 39 -29.64 -27.30 -1.33
N GLN A 40 -29.42 -26.00 -1.12
CA GLN A 40 -30.05 -25.33 0.02
C GLN A 40 -30.61 -23.98 -0.39
N HIS A 41 -31.92 -23.82 -0.28
CA HIS A 41 -32.50 -22.49 -0.27
C HIS A 41 -32.22 -21.81 1.07
N PRO A 42 -31.86 -20.52 1.06
CA PRO A 42 -31.44 -19.88 2.30
C PRO A 42 -32.45 -20.04 3.43
N GLY A 43 -31.95 -20.46 4.59
CA GLY A 43 -32.79 -20.61 5.77
C GLY A 43 -33.65 -21.85 5.80
N LYS A 44 -33.57 -22.72 4.79
CA LYS A 44 -34.29 -23.97 4.78
C LYS A 44 -33.31 -25.14 4.87
N ALA A 45 -33.84 -26.30 5.23
CA ALA A 45 -33.01 -27.49 5.28
C ALA A 45 -32.42 -27.78 3.90
N PRO A 46 -31.15 -28.23 3.84
CA PRO A 46 -30.59 -28.64 2.56
C PRO A 46 -31.17 -29.98 2.13
N LYS A 47 -30.87 -30.34 0.89
CA LYS A 47 -31.40 -31.55 0.28
C LYS A 47 -30.32 -32.21 -0.56
N LEU A 48 -30.17 -33.52 -0.42
CA LEU A 48 -29.31 -34.29 -1.31
C LEU A 48 -29.93 -34.35 -2.69
N ILE A 49 -29.17 -33.95 -3.71
CA ILE A 49 -29.65 -33.98 -5.08
C ILE A 49 -28.80 -34.87 -5.99
N ILE A 50 -27.56 -35.15 -5.62
CA ILE A 50 -26.72 -36.08 -6.35
C ILE A 50 -25.86 -36.85 -5.35
N TYR A 51 -25.74 -38.15 -5.57
CA TYR A 51 -24.81 -38.99 -4.82
C TYR A 51 -24.10 -39.92 -5.78
N GLU A 52 -22.95 -40.43 -5.32
CA GLU A 52 -22.11 -41.30 -6.12
C GLU A 52 -21.90 -40.73 -7.52
N VAL A 53 -21.66 -39.42 -7.54
CA VAL A 53 -21.19 -38.64 -8.68
C VAL A 53 -22.34 -38.26 -9.60
N SER A 54 -23.21 -39.22 -9.91
CA SER A 54 -24.18 -39.10 -10.98
C SER A 54 -25.61 -39.48 -10.61
N GLN A 55 -25.84 -40.03 -9.42
CA GLN A 55 -27.13 -40.62 -9.07
C GLN A 55 -28.09 -39.59 -8.49
N ARG A 56 -29.31 -39.53 -9.04
CA ARG A 56 -30.31 -38.65 -8.47
C ARG A 56 -31.17 -39.43 -7.47
N PRO A 57 -31.38 -38.90 -6.27
CA PRO A 57 -32.42 -39.45 -5.41
C PRO A 57 -33.79 -39.34 -6.05
N SER A 58 -34.71 -40.17 -5.57
CA SER A 58 -36.09 -40.11 -6.03
C SER A 58 -36.68 -38.73 -5.84
N GLY A 59 -37.39 -38.25 -6.85
CA GLY A 59 -38.02 -36.95 -6.82
C GLY A 59 -37.18 -35.80 -7.31
N VAL A 60 -35.89 -36.01 -7.56
CA VAL A 60 -35.01 -34.98 -8.10
C VAL A 60 -35.10 -35.03 -9.63
N PRO A 61 -35.46 -33.94 -10.29
CA PRO A 61 -35.65 -33.98 -11.75
C PRO A 61 -34.34 -34.21 -12.49
N ASN A 62 -34.47 -34.73 -13.71
CA ASN A 62 -33.32 -35.16 -14.50
C ASN A 62 -32.57 -34.00 -15.14
N ARG A 63 -33.00 -32.77 -14.95
CA ARG A 63 -32.20 -31.63 -15.39
C ARG A 63 -31.00 -31.40 -14.48
N PHE A 64 -30.95 -32.03 -13.31
CA PHE A 64 -29.75 -32.09 -12.50
C PHE A 64 -28.92 -33.30 -12.92
N SER A 65 -27.66 -33.08 -13.30
CA SER A 65 -26.78 -34.19 -13.62
C SER A 65 -25.41 -33.97 -13.00
N GLY A 66 -24.77 -35.07 -12.62
CA GLY A 66 -23.45 -35.03 -12.00
C GLY A 66 -22.44 -35.84 -12.80
N SER A 67 -21.23 -35.31 -12.89
CA SER A 67 -20.14 -36.01 -13.58
C SER A 67 -18.84 -35.73 -12.85
N LYS A 68 -17.79 -36.41 -13.30
CA LYS A 68 -16.47 -36.24 -12.71
C LYS A 68 -15.41 -36.53 -13.77
N SER A 69 -14.28 -35.85 -13.65
CA SER A 69 -13.13 -36.06 -14.51
C SER A 69 -11.88 -35.73 -13.72
N GLY A 70 -11.04 -36.73 -13.46
CA GLY A 70 -9.88 -36.49 -12.60
C GLY A 70 -10.33 -36.09 -11.22
N ASN A 71 -9.81 -34.95 -10.75
CA ASN A 71 -10.08 -34.46 -9.41
C ASN A 71 -11.13 -33.37 -9.38
N THR A 72 -11.92 -33.23 -10.44
CA THR A 72 -12.96 -32.21 -10.51
C THR A 72 -14.31 -32.85 -10.82
N ALA A 73 -15.28 -32.64 -9.95
CA ALA A 73 -16.66 -33.06 -10.17
C ALA A 73 -17.47 -31.84 -10.61
N SER A 74 -18.53 -32.09 -11.37
CA SER A 74 -19.32 -30.99 -11.91
C SER A 74 -20.81 -31.31 -11.81
N LEU A 75 -21.55 -30.31 -11.35
CA LEU A 75 -23.00 -30.35 -11.33
C LEU A 75 -23.51 -29.46 -12.46
N THR A 76 -24.32 -30.02 -13.35
CA THR A 76 -24.97 -29.26 -14.40
C THR A 76 -26.45 -29.22 -14.12
N VAL A 77 -27.01 -28.01 -14.14
CA VAL A 77 -28.45 -27.77 -14.02
C VAL A 77 -28.91 -27.27 -15.38
N SER A 78 -29.72 -28.07 -16.06
CA SER A 78 -30.29 -27.71 -17.34
C SER A 78 -31.61 -26.98 -17.14
N GLY A 79 -31.95 -26.11 -18.10
CA GLY A 79 -33.22 -25.43 -18.09
C GLY A 79 -33.57 -24.80 -16.76
N LEU A 80 -32.72 -23.86 -16.33
CA LEU A 80 -32.87 -23.24 -15.03
C LEU A 80 -34.28 -22.73 -14.80
N GLN A 81 -34.83 -23.10 -13.65
CA GLN A 81 -36.12 -22.65 -13.19
C GLN A 81 -35.93 -21.80 -11.94
N ALA A 82 -36.98 -21.05 -11.60
CA ALA A 82 -36.89 -20.13 -10.49
C ALA A 82 -36.44 -20.84 -9.21
N GLU A 83 -36.98 -22.04 -8.96
CA GLU A 83 -36.68 -22.79 -7.75
C GLU A 83 -35.24 -23.25 -7.67
N ASP A 84 -34.47 -23.09 -8.75
CA ASP A 84 -33.07 -23.53 -8.75
C ASP A 84 -32.15 -22.50 -8.12
N ASP A 85 -32.62 -21.28 -7.92
CA ASP A 85 -31.89 -20.25 -7.22
C ASP A 85 -31.66 -20.69 -5.78
N ALA A 86 -30.42 -21.01 -5.45
CA ALA A 86 -30.08 -21.63 -4.17
C ALA A 86 -28.55 -21.71 -4.07
N ASP A 87 -28.07 -22.18 -2.91
CA ASP A 87 -26.67 -22.52 -2.71
C ASP A 87 -26.48 -24.02 -2.92
N TYR A 88 -25.38 -24.38 -3.55
CA TYR A 88 -25.08 -25.77 -3.87
C TYR A 88 -23.74 -26.13 -3.29
N TYR A 89 -23.71 -27.23 -2.55
CA TYR A 89 -22.49 -27.74 -1.95
C TYR A 89 -22.18 -29.11 -2.52
N CYS A 90 -20.88 -29.41 -2.60
CA CYS A 90 -20.41 -30.75 -2.93
C CYS A 90 -19.70 -31.34 -1.72
N SER A 91 -19.58 -32.66 -1.75
CA SER A 91 -18.77 -33.37 -0.77
C SER A 91 -18.13 -34.58 -1.43
N SER A 92 -17.07 -35.08 -0.79
CA SER A 92 -16.45 -36.32 -1.23
C SER A 92 -15.90 -37.02 0.00
N TYR A 93 -15.90 -38.35 -0.04
CA TYR A 93 -15.07 -39.07 0.92
C TYR A 93 -13.62 -38.63 0.75
N GLY A 94 -12.86 -38.70 1.83
CA GLY A 94 -11.50 -38.19 1.85
C GLY A 94 -10.52 -39.23 2.33
N GLY A 95 -9.56 -38.79 3.14
CA GLY A 95 -8.50 -39.64 3.67
C GLY A 95 -8.74 -39.92 5.14
N ASP A 96 -8.47 -41.17 5.53
CA ASP A 96 -8.60 -41.60 6.92
C ASP A 96 -10.04 -41.44 7.41
N ASN A 97 -10.97 -42.02 6.66
CA ASN A 97 -12.39 -42.06 7.02
C ASN A 97 -12.90 -40.67 7.36
N ASN A 98 -12.81 -39.76 6.39
CA ASN A 98 -13.23 -38.39 6.57
C ASN A 98 -14.20 -38.01 5.46
N LEU A 99 -14.91 -36.91 5.71
CA LEU A 99 -15.85 -36.34 4.76
C LEU A 99 -15.39 -34.92 4.46
N PHE A 100 -15.19 -34.61 3.18
CA PHE A 100 -14.70 -33.31 2.74
C PHE A 100 -15.80 -32.55 2.00
N PHE A 101 -15.94 -31.26 2.31
CA PHE A 101 -16.99 -30.43 1.74
C PHE A 101 -16.41 -29.27 0.94
N GLY A 102 -17.13 -28.89 -0.10
CA GLY A 102 -16.88 -27.63 -0.77
C GLY A 102 -17.50 -26.48 0.00
N GLY A 103 -17.10 -25.28 -0.38
CA GLY A 103 -17.54 -24.08 0.31
C GLY A 103 -18.87 -23.53 -0.13
N GLY A 104 -19.45 -24.11 -1.18
CA GLY A 104 -20.76 -23.68 -1.64
C GLY A 104 -20.69 -22.73 -2.81
N THR A 105 -21.58 -22.93 -3.78
CA THR A 105 -21.77 -22.02 -4.90
C THR A 105 -23.18 -21.45 -4.82
N LYS A 106 -23.29 -20.12 -4.86
CA LYS A 106 -24.57 -19.45 -4.93
C LYS A 106 -24.97 -19.34 -6.40
N VAL A 107 -26.07 -20.00 -6.77
CA VAL A 107 -26.59 -19.95 -8.14
C VAL A 107 -27.74 -18.95 -8.18
N THR A 108 -27.62 -17.94 -9.03
CA THR A 108 -28.65 -16.94 -9.21
C THR A 108 -29.33 -17.16 -10.55
N VAL A 109 -30.66 -17.23 -10.53
CA VAL A 109 -31.44 -17.18 -11.76
C VAL A 109 -31.78 -15.70 -11.96
N LEU A 110 -31.18 -15.11 -12.99
CA LEU A 110 -31.18 -13.65 -13.13
C LEU A 110 -32.60 -13.11 -13.15
N GLY A 111 -32.88 -12.17 -12.24
CA GLY A 111 -34.15 -11.50 -12.18
C GLY A 111 -34.15 -10.09 -12.71
N GLN A 112 -32.98 -9.62 -13.16
CA GLN A 112 -32.74 -8.28 -13.69
C GLN A 112 -31.38 -8.29 -14.37
N PRO A 113 -30.99 -7.21 -15.05
CA PRO A 113 -29.70 -7.21 -15.74
C PRO A 113 -28.55 -7.34 -14.76
N LYS A 114 -27.50 -8.02 -15.21
CA LYS A 114 -26.25 -8.05 -14.46
C LYS A 114 -25.64 -6.66 -14.40
N ALA A 115 -24.93 -6.40 -13.32
CA ALA A 115 -24.30 -5.09 -13.12
C ALA A 115 -23.03 -5.29 -12.31
N ALA A 116 -21.91 -4.80 -12.82
CA ALA A 116 -20.63 -4.94 -12.14
C ALA A 116 -20.51 -3.94 -10.99
N PRO A 117 -19.84 -4.32 -9.91
CA PRO A 117 -19.77 -3.42 -8.74
C PRO A 117 -18.95 -2.18 -9.03
N SER A 118 -19.34 -1.09 -8.37
CA SER A 118 -18.47 0.07 -8.20
C SER A 118 -17.68 -0.16 -6.92
N VAL A 119 -16.35 -0.10 -7.03
CA VAL A 119 -15.45 -0.39 -5.90
C VAL A 119 -14.68 0.88 -5.56
N THR A 120 -14.68 1.25 -4.27
CA THR A 120 -13.97 2.42 -3.78
C THR A 120 -13.27 2.06 -2.48
N LEU A 121 -11.95 2.27 -2.43
CA LEU A 121 -11.13 1.87 -1.29
C LEU A 121 -10.64 3.12 -0.56
N PHE A 122 -10.95 3.22 0.74
CA PHE A 122 -10.64 4.40 1.52
C PHE A 122 -9.51 4.11 2.48
N PRO A 123 -8.45 4.92 2.47
CA PRO A 123 -7.38 4.77 3.45
C PRO A 123 -7.82 5.28 4.81
N PRO A 124 -6.98 5.15 5.83
CA PRO A 124 -7.41 5.54 7.18
C PRO A 124 -7.72 7.03 7.26
N SER A 125 -8.81 7.35 7.92
CA SER A 125 -9.16 8.75 8.16
C SER A 125 -8.26 9.31 9.25
N SER A 126 -8.10 10.63 9.22
CA SER A 126 -7.22 11.27 10.19
C SER A 126 -7.75 11.12 11.60
N GLU A 127 -9.06 11.23 11.80
CA GLU A 127 -9.60 11.13 13.15
C GLU A 127 -9.31 9.76 13.75
N GLU A 128 -9.52 8.67 12.99
CA GLU A 128 -9.27 7.35 13.56
C GLU A 128 -7.78 7.11 13.77
N LEU A 129 -6.92 7.69 12.94
CA LEU A 129 -5.49 7.55 13.17
C LEU A 129 -5.10 8.18 14.50
N GLN A 130 -5.70 9.32 14.83
CA GLN A 130 -5.45 9.95 16.12
C GLN A 130 -6.05 9.15 17.26
N ALA A 131 -6.95 8.22 16.97
CA ALA A 131 -7.49 7.29 17.95
C ALA A 131 -6.82 5.91 17.92
N ASN A 132 -5.64 5.82 17.31
CA ASN A 132 -4.85 4.57 17.25
C ASN A 132 -5.58 3.47 16.48
N LYS A 133 -6.31 3.84 15.43
CA LYS A 133 -6.98 2.89 14.55
C LYS A 133 -6.68 3.27 13.11
N ALA A 134 -6.43 2.27 12.27
CA ALA A 134 -6.18 2.48 10.85
C ALA A 134 -7.06 1.57 10.01
N THR A 135 -8.36 1.52 10.34
CA THR A 135 -9.30 0.71 9.58
C THR A 135 -9.45 1.24 8.16
N LEU A 136 -9.36 0.35 7.17
CA LEU A 136 -9.64 0.65 5.78
C LEU A 136 -11.05 0.16 5.43
N VAL A 137 -11.69 0.84 4.50
CA VAL A 137 -13.00 0.43 4.01
C VAL A 137 -12.96 0.29 2.51
N CYS A 138 -13.50 -0.81 2.01
CA CYS A 138 -13.68 -1.07 0.59
C CYS A 138 -15.19 -1.07 0.34
N LEU A 139 -15.67 -0.05 -0.35
CA LEU A 139 -17.07 0.14 -0.60
C LEU A 139 -17.39 -0.46 -1.96
N ILE A 140 -18.44 -1.27 -2.03
CA ILE A 140 -18.80 -2.07 -3.21
C ILE A 140 -20.29 -1.83 -3.42
N SER A 141 -20.65 -1.15 -4.52
CA SER A 141 -22.05 -0.78 -4.69
C SER A 141 -22.53 -1.06 -6.11
N ASP A 142 -23.86 -1.12 -6.23
CA ASP A 142 -24.54 -1.11 -7.54
C ASP A 142 -24.22 -2.36 -8.36
N PHE A 143 -24.29 -3.53 -7.73
CA PHE A 143 -24.00 -4.76 -8.45
C PHE A 143 -25.20 -5.70 -8.41
N TYR A 144 -25.24 -6.59 -9.40
CA TYR A 144 -26.23 -7.65 -9.45
C TYR A 144 -25.62 -8.76 -10.29
N PRO A 145 -25.76 -10.03 -9.89
CA PRO A 145 -26.44 -10.56 -8.69
C PRO A 145 -25.77 -10.10 -7.39
N GLY A 146 -26.43 -10.33 -6.27
CA GLY A 146 -25.95 -9.84 -4.99
C GLY A 146 -24.92 -10.74 -4.35
N ALA A 147 -24.10 -11.41 -5.15
CA ALA A 147 -23.04 -12.28 -4.66
C ALA A 147 -21.69 -11.65 -4.98
N VAL A 148 -20.83 -11.58 -3.98
CA VAL A 148 -19.51 -10.97 -4.15
C VAL A 148 -18.58 -11.63 -3.15
N THR A 149 -17.34 -11.83 -3.56
CA THR A 149 -16.29 -12.32 -2.69
C THR A 149 -15.18 -11.30 -2.63
N VAL A 150 -14.73 -10.99 -1.42
CA VAL A 150 -13.75 -9.95 -1.19
C VAL A 150 -12.53 -10.59 -0.57
N ALA A 151 -11.36 -10.23 -1.08
CA ALA A 151 -10.09 -10.61 -0.49
C ALA A 151 -9.24 -9.36 -0.31
N TRP A 152 -8.42 -9.35 0.74
CA TRP A 152 -7.49 -8.26 1.00
C TRP A 152 -6.06 -8.75 0.89
N LYS A 153 -5.16 -7.82 0.57
CA LYS A 153 -3.74 -8.11 0.48
C LYS A 153 -2.96 -7.05 1.22
N ALA A 154 -1.93 -7.48 1.95
CA ALA A 154 -0.91 -6.61 2.52
C ALA A 154 0.31 -6.72 1.62
N ASP A 155 0.64 -5.63 0.92
CA ASP A 155 1.57 -5.71 -0.20
C ASP A 155 1.01 -6.68 -1.23
N SER A 156 1.59 -7.89 -1.33
CA SER A 156 1.06 -8.92 -2.20
C SER A 156 0.63 -10.15 -1.43
N SER A 157 0.67 -10.12 -0.11
CA SER A 157 0.37 -11.28 0.71
C SER A 157 -1.09 -11.27 1.13
N PRO A 158 -1.82 -12.37 0.98
CA PRO A 158 -3.17 -12.44 1.53
C PRO A 158 -3.20 -12.03 2.99
N VAL A 159 -4.25 -11.31 3.37
CA VAL A 159 -4.53 -10.94 4.76
C VAL A 159 -5.90 -11.49 5.12
N LYS A 160 -5.95 -12.40 6.10
CA LYS A 160 -7.22 -12.91 6.60
C LYS A 160 -7.64 -12.27 7.91
N ALA A 161 -6.69 -11.97 8.80
CA ALA A 161 -7.04 -11.41 10.10
C ALA A 161 -7.57 -10.00 9.94
N GLY A 162 -8.61 -9.68 10.72
CA GLY A 162 -9.13 -8.35 10.77
C GLY A 162 -10.05 -7.97 9.63
N VAL A 163 -10.50 -8.94 8.83
CA VAL A 163 -11.38 -8.70 7.69
C VAL A 163 -12.82 -8.98 8.09
N GLU A 164 -13.72 -8.03 7.77
CA GLU A 164 -15.15 -8.26 7.90
C GLU A 164 -15.81 -7.70 6.64
N THR A 165 -16.79 -8.41 6.12
CA THR A 165 -17.57 -7.95 4.97
C THR A 165 -19.06 -8.14 5.28
N THR A 166 -19.83 -7.09 5.03
CA THR A 166 -21.26 -7.12 5.29
C THR A 166 -21.99 -7.96 4.24
N THR A 167 -23.13 -8.46 4.63
CA THR A 167 -23.98 -9.22 3.72
C THR A 167 -24.59 -8.26 2.70
N PRO A 168 -24.40 -8.46 1.40
CA PRO A 168 -24.96 -7.52 0.42
C PRO A 168 -26.45 -7.34 0.62
N SER A 169 -26.90 -6.09 0.53
CA SER A 169 -28.31 -5.76 0.67
C SER A 169 -28.74 -4.89 -0.51
N LYS A 170 -30.00 -5.06 -0.88
CA LYS A 170 -30.56 -4.33 -2.01
C LYS A 170 -30.86 -2.89 -1.60
N GLN A 171 -30.40 -1.94 -2.41
CA GLN A 171 -30.51 -0.52 -2.12
C GLN A 171 -31.66 0.08 -2.93
N SER A 172 -31.81 1.40 -2.87
CA SER A 172 -32.98 2.05 -3.44
C SER A 172 -33.07 1.88 -4.95
N ASN A 173 -31.94 1.70 -5.63
CA ASN A 173 -31.90 1.49 -7.08
C ASN A 173 -32.05 0.02 -7.45
N ASN A 174 -32.35 -0.85 -6.49
CA ASN A 174 -32.60 -2.29 -6.69
C ASN A 174 -31.35 -3.06 -7.08
N LYS A 175 -30.17 -2.50 -6.86
CA LYS A 175 -28.92 -3.22 -6.97
C LYS A 175 -28.26 -3.29 -5.59
N TYR A 176 -27.27 -4.17 -5.47
CA TYR A 176 -26.74 -4.53 -4.16
C TYR A 176 -25.55 -3.68 -3.76
N ALA A 177 -25.38 -3.50 -2.45
CA ALA A 177 -24.21 -2.84 -1.91
C ALA A 177 -23.73 -3.58 -0.67
N ALA A 178 -22.43 -3.47 -0.41
CA ALA A 178 -21.83 -4.01 0.80
C ALA A 178 -20.54 -3.23 1.07
N SER A 179 -19.97 -3.47 2.25
CA SER A 179 -18.68 -2.91 2.61
C SER A 179 -17.82 -4.00 3.22
N SER A 180 -16.52 -3.93 2.93
CA SER A 180 -15.52 -4.74 3.61
C SER A 180 -14.54 -3.81 4.30
N TYR A 181 -14.21 -4.11 5.54
CA TYR A 181 -13.31 -3.26 6.31
C TYR A 181 -12.25 -4.12 6.96
N LEU A 182 -11.03 -3.62 6.92
CA LEU A 182 -9.85 -4.30 7.41
C LEU A 182 -9.32 -3.50 8.58
N SER A 183 -9.34 -4.11 9.76
CA SER A 183 -8.99 -3.43 11.00
C SER A 183 -7.49 -3.52 11.19
N LEU A 184 -6.79 -2.45 10.84
CA LEU A 184 -5.35 -2.37 10.97
C LEU A 184 -4.98 -1.45 12.14
N THR A 185 -3.82 -1.71 12.73
CA THR A 185 -3.21 -0.74 13.64
C THR A 185 -2.48 0.33 12.82
N PRO A 186 -2.27 1.51 13.39
CA PRO A 186 -1.46 2.50 12.68
C PRO A 186 -0.08 1.99 12.29
N GLU A 187 0.54 1.15 13.13
CA GLU A 187 1.85 0.62 12.77
C GLU A 187 1.77 -0.26 11.52
N GLN A 188 0.74 -1.10 11.42
CA GLN A 188 0.61 -1.95 10.24
C GLN A 188 0.41 -1.11 8.98
N TRP A 189 -0.44 -0.08 9.06
CA TRP A 189 -0.71 0.74 7.88
C TRP A 189 0.55 1.47 7.42
N LYS A 190 1.26 2.10 8.35
CA LYS A 190 2.39 2.94 7.97
C LYS A 190 3.59 2.14 7.50
N SER A 191 3.68 0.86 7.84
CA SER A 191 4.89 0.08 7.61
C SER A 191 4.81 -0.83 6.39
N HIS A 192 3.69 -0.87 5.67
CA HIS A 192 3.57 -1.66 4.46
C HIS A 192 3.58 -0.74 3.24
N ARG A 193 4.04 -1.27 2.11
CA ARG A 193 4.04 -0.46 0.89
C ARG A 193 2.62 -0.12 0.46
N SER A 194 1.66 -1.01 0.69
CA SER A 194 0.29 -0.76 0.27
C SER A 194 -0.61 -1.86 0.83
N TYR A 195 -1.92 -1.62 0.75
CA TYR A 195 -2.93 -2.63 0.96
C TYR A 195 -3.91 -2.58 -0.20
N SER A 196 -4.46 -3.75 -0.54
CA SER A 196 -5.35 -3.87 -1.67
C SER A 196 -6.63 -4.62 -1.28
N CYS A 197 -7.72 -4.24 -1.94
CA CYS A 197 -9.02 -4.87 -1.80
C CYS A 197 -9.37 -5.49 -3.15
N GLN A 198 -9.65 -6.79 -3.15
CA GLN A 198 -9.93 -7.56 -4.37
C GLN A 198 -11.38 -8.00 -4.36
N VAL A 199 -12.15 -7.57 -5.34
CA VAL A 199 -13.58 -7.82 -5.39
C VAL A 199 -13.89 -8.66 -6.63
N THR A 200 -14.37 -9.88 -6.42
CA THR A 200 -14.75 -10.78 -7.49
C THR A 200 -16.26 -10.82 -7.62
N HIS A 201 -16.75 -10.57 -8.83
CA HIS A 201 -18.18 -10.58 -9.12
C HIS A 201 -18.37 -11.18 -10.48
N GLU A 202 -19.33 -12.12 -10.60
CA GLU A 202 -19.61 -12.79 -11.86
C GLU A 202 -18.31 -13.30 -12.49
N GLY A 203 -17.45 -13.86 -11.66
CA GLY A 203 -16.12 -14.25 -12.07
C GLY A 203 -15.28 -13.14 -12.68
N SER A 204 -15.08 -12.05 -11.94
CA SER A 204 -14.26 -10.93 -12.42
C SER A 204 -13.73 -10.24 -11.16
N THR A 205 -12.45 -10.45 -10.86
CA THR A 205 -11.84 -9.92 -9.64
C THR A 205 -11.28 -8.54 -9.94
N VAL A 206 -11.98 -7.50 -9.47
CA VAL A 206 -11.50 -6.13 -9.49
C VAL A 206 -10.61 -5.91 -8.28
N GLU A 207 -9.59 -5.06 -8.42
CA GLU A 207 -8.66 -4.77 -7.33
C GLU A 207 -8.41 -3.26 -7.24
N LYS A 208 -8.42 -2.76 -6.01
CA LYS A 208 -8.06 -1.39 -5.70
C LYS A 208 -6.92 -1.41 -4.69
N THR A 209 -6.06 -0.39 -4.74
CA THR A 209 -4.89 -0.34 -3.88
C THR A 209 -4.70 1.06 -3.31
N VAL A 210 -4.33 1.13 -2.02
CA VAL A 210 -4.00 2.39 -1.36
C VAL A 210 -2.67 2.22 -0.61
N ALA A 211 -2.01 3.34 -0.39
CA ALA A 211 -0.75 3.37 0.34
C ALA A 211 -0.68 4.63 1.21
N PRO A 212 0.14 4.61 2.26
CA PRO A 212 0.25 5.79 3.12
C PRO A 212 0.77 7.00 2.35
N THR A 213 0.33 8.17 2.76
CA THR A 213 0.74 9.43 2.14
C THR A 213 1.20 10.44 3.20
N GLN B 1 -39.81 -36.86 0.03
CA GLN B 1 -39.01 -37.56 1.08
C GLN B 1 -39.11 -36.85 2.43
N SER B 2 -39.65 -37.57 3.41
CA SER B 2 -39.93 -37.01 4.73
C SER B 2 -38.72 -36.29 5.30
N ALA B 3 -38.98 -35.20 6.03
CA ALA B 3 -37.98 -34.55 6.85
C ALA B 3 -37.89 -35.27 8.19
N LEU B 4 -36.73 -35.12 8.83
CA LEU B 4 -36.63 -35.46 10.24
C LEU B 4 -37.29 -34.35 11.05
N THR B 5 -37.75 -34.67 12.25
CA THR B 5 -38.50 -33.72 13.07
C THR B 5 -37.60 -32.98 14.06
N GLN B 6 -37.49 -31.66 13.88
CA GLN B 6 -36.80 -30.78 14.80
C GLN B 6 -37.73 -29.66 15.25
N PRO B 7 -37.70 -29.27 16.52
CA PRO B 7 -38.45 -28.07 16.92
C PRO B 7 -37.94 -26.87 16.15
N PRO B 8 -38.83 -25.99 15.68
CA PRO B 8 -38.35 -24.83 14.92
C PRO B 8 -37.48 -23.88 15.72
N SER B 9 -37.63 -23.86 17.05
CA SER B 9 -36.91 -22.88 17.86
C SER B 9 -36.54 -23.47 19.23
N ALA B 10 -35.49 -22.91 19.80
CA ALA B 10 -35.05 -23.23 21.15
C ALA B 10 -34.25 -22.02 21.64
N SER B 11 -34.03 -21.95 22.95
CA SER B 11 -33.43 -20.74 23.50
C SER B 11 -32.72 -21.02 24.80
N GLY B 12 -31.81 -20.12 25.14
CA GLY B 12 -31.10 -20.17 26.40
C GLY B 12 -30.40 -18.86 26.66
N SER B 13 -30.11 -18.62 27.94
CA SER B 13 -29.35 -17.45 28.37
C SER B 13 -27.86 -17.79 28.40
N PRO B 14 -27.00 -16.78 28.28
CA PRO B 14 -25.56 -17.05 28.26
C PRO B 14 -25.15 -17.84 29.48
N GLY B 15 -24.24 -18.81 29.28
CA GLY B 15 -23.79 -19.70 30.32
C GLY B 15 -24.68 -20.90 30.56
N GLN B 16 -25.90 -20.88 30.05
CA GLN B 16 -26.90 -21.92 30.28
C GLN B 16 -26.77 -23.03 29.22
N SER B 17 -27.57 -24.06 29.37
CA SER B 17 -27.56 -25.18 28.44
C SER B 17 -28.88 -25.24 27.69
N VAL B 18 -28.83 -25.86 26.51
CA VAL B 18 -30.01 -26.10 25.71
C VAL B 18 -29.84 -27.46 25.03
N THR B 19 -30.92 -28.22 25.00
CA THR B 19 -30.96 -29.53 24.36
C THR B 19 -32.06 -29.52 23.31
N ILE B 20 -31.71 -29.92 22.10
CA ILE B 20 -32.64 -29.93 20.98
C ILE B 20 -32.66 -31.33 20.41
N SER B 21 -33.82 -31.74 19.89
CA SER B 21 -34.03 -33.12 19.48
C SER B 21 -34.27 -33.23 17.99
N CYS B 22 -34.11 -34.45 17.50
CA CYS B 22 -34.17 -34.78 16.08
C CYS B 22 -34.77 -36.19 15.99
N THR B 23 -36.06 -36.25 15.68
CA THR B 23 -36.79 -37.52 15.67
C THR B 23 -36.96 -38.01 14.25
N GLY B 24 -36.48 -39.22 13.99
CA GLY B 24 -36.66 -39.87 12.69
C GLY B 24 -37.44 -41.16 12.84
N THR B 25 -37.14 -42.15 12.00
CA THR B 25 -37.81 -43.44 12.01
C THR B 25 -36.81 -44.56 12.23
N SER B 26 -37.33 -45.78 12.38
CA SER B 26 -36.47 -46.92 12.64
C SER B 26 -35.47 -47.19 11.52
N SER B 27 -35.76 -46.74 10.30
CA SER B 27 -34.89 -46.96 9.15
C SER B 27 -33.95 -45.80 8.86
N ASP B 28 -34.00 -44.72 9.64
CA ASP B 28 -32.96 -43.70 9.52
C ASP B 28 -32.32 -43.47 10.88
N VAL B 29 -32.77 -42.46 11.64
CA VAL B 29 -32.15 -42.16 12.93
C VAL B 29 -32.06 -43.41 13.80
N GLY B 30 -33.14 -44.17 13.85
CA GLY B 30 -33.19 -45.36 14.67
C GLY B 30 -32.47 -46.56 14.12
N GLY B 31 -31.93 -46.48 12.91
CA GLY B 31 -31.45 -47.66 12.22
C GLY B 31 -29.95 -47.82 12.15
N SER B 32 -29.22 -46.76 12.48
CA SER B 32 -27.77 -46.84 12.54
C SER B 32 -27.29 -45.56 13.21
N ASP B 33 -25.98 -45.49 13.43
CA ASP B 33 -25.39 -44.36 14.13
C ASP B 33 -24.92 -43.26 13.18
N SER B 34 -25.53 -43.14 12.00
CA SER B 34 -25.06 -42.15 11.04
C SER B 34 -25.81 -40.83 11.18
N VAL B 35 -25.94 -40.33 12.42
CA VAL B 35 -26.61 -39.07 12.69
C VAL B 35 -25.55 -37.97 12.76
N SER B 36 -25.74 -36.91 12.00
CA SER B 36 -24.87 -35.75 12.08
C SER B 36 -25.66 -34.51 12.46
N TRP B 37 -24.94 -33.52 13.00
CA TRP B 37 -25.49 -32.20 13.28
C TRP B 37 -24.61 -31.16 12.62
N TYR B 38 -25.26 -30.09 12.14
CA TYR B 38 -24.58 -28.98 11.51
C TYR B 38 -25.06 -27.68 12.12
N GLN B 39 -24.14 -26.75 12.31
CA GLN B 39 -24.46 -25.41 12.75
C GLN B 39 -24.36 -24.46 11.56
N GLN B 40 -25.30 -23.53 11.44
CA GLN B 40 -25.24 -22.57 10.35
C GLN B 40 -25.65 -21.18 10.81
N HIS B 41 -24.74 -20.24 10.67
CA HIS B 41 -25.11 -18.84 10.86
C HIS B 41 -25.80 -18.34 9.58
N PRO B 42 -26.90 -17.60 9.72
CA PRO B 42 -27.61 -17.13 8.51
C PRO B 42 -26.68 -16.49 7.49
N GLY B 43 -26.83 -16.89 6.23
CA GLY B 43 -26.05 -16.35 5.15
C GLY B 43 -24.62 -16.82 5.08
N LYS B 44 -24.28 -17.91 5.76
CA LYS B 44 -22.93 -18.43 5.79
C LYS B 44 -22.96 -19.92 5.48
N ALA B 45 -21.80 -20.43 5.07
CA ALA B 45 -21.62 -21.88 4.99
C ALA B 45 -21.82 -22.53 6.35
N PRO B 46 -22.40 -23.73 6.40
CA PRO B 46 -22.55 -24.44 7.67
C PRO B 46 -21.25 -25.11 8.09
N LYS B 47 -21.27 -25.65 9.30
CA LYS B 47 -20.17 -26.43 9.85
C LYS B 47 -20.75 -27.69 10.46
N LEU B 48 -20.26 -28.85 10.05
CA LEU B 48 -20.59 -30.10 10.73
C LEU B 48 -20.01 -30.05 12.14
N ILE B 49 -20.85 -30.23 13.15
CA ILE B 49 -20.37 -30.19 14.54
C ILE B 49 -20.42 -31.54 15.22
N ILE B 50 -21.19 -32.49 14.69
CA ILE B 50 -21.30 -33.84 15.25
C ILE B 50 -21.46 -34.81 14.10
N TYR B 51 -20.74 -35.92 14.15
CA TYR B 51 -20.99 -37.02 13.23
C TYR B 51 -21.04 -38.31 14.04
N GLU B 52 -21.57 -39.36 13.43
CA GLU B 52 -21.72 -40.65 14.11
C GLU B 52 -22.29 -40.49 15.52
N VAL B 53 -23.35 -39.67 15.60
CA VAL B 53 -24.16 -39.46 16.79
C VAL B 53 -23.48 -38.57 17.83
N SER B 54 -22.20 -38.79 18.08
CA SER B 54 -21.57 -38.21 19.27
C SER B 54 -20.20 -37.61 19.03
N GLN B 55 -19.63 -37.76 17.84
CA GLN B 55 -18.24 -37.39 17.60
C GLN B 55 -18.13 -35.95 17.12
N ARG B 56 -17.27 -35.18 17.78
CA ARG B 56 -16.99 -33.82 17.34
C ARG B 56 -15.78 -33.83 16.41
N PRO B 57 -15.86 -33.16 15.25
CA PRO B 57 -14.67 -32.97 14.43
C PRO B 57 -13.67 -32.06 15.14
N SER B 58 -12.48 -31.98 14.55
CA SER B 58 -11.45 -31.11 15.09
C SER B 58 -11.93 -29.67 15.07
N GLY B 59 -11.72 -28.97 16.18
CA GLY B 59 -12.06 -27.56 16.29
C GLY B 59 -13.43 -27.26 16.84
N VAL B 60 -14.25 -28.27 17.13
CA VAL B 60 -15.58 -28.06 17.69
C VAL B 60 -15.47 -28.19 19.21
N PRO B 61 -15.83 -27.15 19.98
CA PRO B 61 -15.64 -27.23 21.44
C PRO B 61 -16.40 -28.38 22.05
N ASN B 62 -15.93 -28.85 23.19
CA ASN B 62 -16.60 -29.95 23.87
C ASN B 62 -17.87 -29.50 24.57
N ARG B 63 -18.30 -28.25 24.39
CA ARG B 63 -19.61 -27.81 24.83
C ARG B 63 -20.74 -28.43 24.02
N PHE B 64 -20.43 -29.09 22.91
CA PHE B 64 -21.43 -29.68 22.01
C PHE B 64 -21.42 -31.19 22.18
N SER B 65 -22.52 -31.76 22.69
CA SER B 65 -22.62 -33.19 22.93
C SER B 65 -23.82 -33.76 22.20
N GLY B 66 -23.61 -34.86 21.49
CA GLY B 66 -24.65 -35.54 20.75
C GLY B 66 -24.91 -36.92 21.35
N SER B 67 -26.16 -37.32 21.35
CA SER B 67 -26.55 -38.64 21.82
C SER B 67 -27.75 -39.11 21.01
N LYS B 68 -28.18 -40.34 21.26
CA LYS B 68 -29.35 -40.90 20.59
C LYS B 68 -30.03 -41.89 21.51
N SER B 69 -31.37 -41.86 21.51
CA SER B 69 -32.18 -42.88 22.16
C SER B 69 -33.29 -43.27 21.21
N GLY B 70 -33.29 -44.52 20.78
CA GLY B 70 -34.32 -44.98 19.87
C GLY B 70 -34.26 -44.20 18.57
N ASN B 71 -35.39 -43.60 18.18
CA ASN B 71 -35.47 -42.87 16.92
C ASN B 71 -35.15 -41.39 17.07
N THR B 72 -34.67 -40.95 18.24
CA THR B 72 -34.50 -39.54 18.52
C THR B 72 -33.05 -39.25 18.90
N ALA B 73 -32.38 -38.46 18.07
CA ALA B 73 -31.07 -37.93 18.39
C ALA B 73 -31.23 -36.60 19.10
N SER B 74 -30.26 -36.27 19.95
CA SER B 74 -30.30 -35.04 20.70
C SER B 74 -28.95 -34.35 20.72
N LEU B 75 -28.98 -33.03 20.65
CA LEU B 75 -27.81 -32.18 20.75
C LEU B 75 -27.97 -31.31 21.98
N THR B 76 -26.97 -31.32 22.85
CA THR B 76 -26.95 -30.40 23.98
C THR B 76 -25.79 -29.43 23.81
N VAL B 77 -26.09 -28.15 23.99
CA VAL B 77 -25.09 -27.08 23.92
C VAL B 77 -24.97 -26.52 25.33
N SER B 78 -23.81 -26.72 25.95
CA SER B 78 -23.59 -26.19 27.29
C SER B 78 -22.82 -24.88 27.21
N GLY B 79 -22.94 -24.09 28.28
CA GLY B 79 -22.25 -22.82 28.39
C GLY B 79 -22.53 -21.91 27.21
N LEU B 80 -23.80 -21.62 26.96
CA LEU B 80 -24.17 -20.90 25.74
C LEU B 80 -23.42 -19.58 25.63
N GLN B 81 -22.89 -19.33 24.43
CA GLN B 81 -22.21 -18.11 24.07
C GLN B 81 -22.93 -17.48 22.88
N ALA B 82 -22.74 -16.18 22.69
CA ALA B 82 -23.38 -15.48 21.57
C ALA B 82 -23.16 -16.20 20.24
N GLU B 83 -21.95 -16.72 20.02
CA GLU B 83 -21.65 -17.40 18.75
C GLU B 83 -22.51 -18.64 18.52
N ASP B 84 -23.15 -19.17 19.56
CA ASP B 84 -23.98 -20.35 19.41
C ASP B 84 -25.35 -20.04 18.81
N ASP B 85 -25.71 -18.75 18.75
CA ASP B 85 -26.98 -18.34 18.17
C ASP B 85 -26.93 -18.61 16.67
N ALA B 86 -27.72 -19.57 16.21
CA ALA B 86 -27.55 -20.13 14.87
C ALA B 86 -28.67 -21.11 14.59
N ASP B 87 -28.75 -21.55 13.34
CA ASP B 87 -29.59 -22.66 12.96
C ASP B 87 -28.82 -23.97 13.08
N TYR B 88 -29.48 -24.99 13.61
CA TYR B 88 -28.90 -26.32 13.77
C TYR B 88 -29.74 -27.34 13.04
N TYR B 89 -29.10 -28.07 12.14
CA TYR B 89 -29.73 -29.12 11.35
C TYR B 89 -29.19 -30.48 11.75
N CYS B 90 -30.06 -31.48 11.71
CA CYS B 90 -29.64 -32.87 11.85
C CYS B 90 -29.86 -33.60 10.54
N SER B 91 -29.10 -34.67 10.35
CA SER B 91 -29.25 -35.52 9.19
C SER B 91 -29.04 -36.96 9.62
N SER B 92 -29.57 -37.88 8.81
CA SER B 92 -29.34 -39.31 9.02
C SER B 92 -29.41 -40.01 7.66
N TYR B 93 -28.48 -40.93 7.43
CA TYR B 93 -28.60 -41.80 6.27
C TYR B 93 -29.61 -42.89 6.57
N GLY B 94 -30.41 -43.24 5.57
CA GLY B 94 -31.28 -44.39 5.67
C GLY B 94 -30.88 -45.45 4.68
N GLY B 95 -31.86 -46.18 4.15
CA GLY B 95 -31.59 -47.11 3.08
C GLY B 95 -31.62 -46.46 1.72
N ASP B 96 -31.23 -47.22 0.71
CA ASP B 96 -31.33 -46.80 -0.68
C ASP B 96 -30.61 -45.48 -0.92
N ASN B 97 -29.45 -45.32 -0.27
CA ASN B 97 -28.60 -44.14 -0.43
C ASN B 97 -29.33 -42.84 -0.12
N ASN B 98 -30.43 -42.89 0.63
CA ASN B 98 -31.14 -41.69 0.99
C ASN B 98 -30.49 -41.01 2.19
N LEU B 99 -30.55 -39.67 2.19
CA LEU B 99 -30.05 -38.85 3.29
C LEU B 99 -31.17 -37.93 3.73
N PHE B 100 -31.61 -38.09 4.97
CA PHE B 100 -32.75 -37.36 5.51
C PHE B 100 -32.23 -36.19 6.34
N PHE B 101 -32.92 -35.06 6.24
CA PHE B 101 -32.57 -33.87 7.00
C PHE B 101 -33.74 -33.42 7.87
N GLY B 102 -33.41 -32.90 9.03
CA GLY B 102 -34.38 -32.18 9.83
C GLY B 102 -34.61 -30.78 9.26
N GLY B 103 -35.71 -30.17 9.70
CA GLY B 103 -36.05 -28.86 9.21
C GLY B 103 -35.27 -27.72 9.83
N GLY B 104 -34.42 -28.01 10.81
CA GLY B 104 -33.63 -26.99 11.45
C GLY B 104 -34.25 -26.45 12.72
N THR B 105 -33.41 -26.21 13.73
CA THR B 105 -33.80 -25.53 14.95
C THR B 105 -32.99 -24.26 15.05
N LYS B 106 -33.66 -23.12 15.13
CA LYS B 106 -33.00 -21.85 15.41
C LYS B 106 -32.85 -21.73 16.92
N VAL B 107 -31.61 -21.78 17.39
CA VAL B 107 -31.30 -21.54 18.79
C VAL B 107 -31.00 -20.07 18.96
N THR B 108 -31.74 -19.43 19.86
CA THR B 108 -31.53 -18.04 20.23
C THR B 108 -30.82 -18.00 21.56
N VAL B 109 -29.75 -17.21 21.62
CA VAL B 109 -29.09 -16.91 22.89
C VAL B 109 -29.70 -15.61 23.37
N LEU B 110 -30.46 -15.69 24.45
CA LEU B 110 -31.21 -14.56 24.95
C LEU B 110 -30.28 -13.53 25.60
N GLY B 111 -30.75 -12.30 25.70
CA GLY B 111 -30.10 -11.26 26.49
C GLY B 111 -28.65 -10.98 26.15
N GLN B 112 -28.33 -10.84 24.86
CA GLN B 112 -26.96 -10.57 24.49
C GLN B 112 -26.60 -9.11 24.78
N PRO B 113 -25.32 -8.83 25.06
CA PRO B 113 -24.96 -7.50 25.54
C PRO B 113 -25.22 -6.41 24.51
N LYS B 114 -25.82 -5.31 24.97
CA LYS B 114 -25.99 -4.13 24.12
C LYS B 114 -24.63 -3.51 23.85
N ALA B 115 -24.50 -2.91 22.67
CA ALA B 115 -23.22 -2.33 22.26
C ALA B 115 -23.49 -1.13 21.36
N ALA B 116 -22.85 -0.02 21.67
CA ALA B 116 -22.97 1.16 20.85
C ALA B 116 -22.08 1.03 19.60
N PRO B 117 -22.47 1.67 18.50
CA PRO B 117 -21.70 1.54 17.27
C PRO B 117 -20.38 2.28 17.32
N SER B 118 -19.35 1.68 16.73
CA SER B 118 -18.16 2.39 16.34
C SER B 118 -18.40 3.01 14.98
N VAL B 119 -18.24 4.33 14.89
CA VAL B 119 -18.58 5.10 13.70
C VAL B 119 -17.30 5.75 13.18
N THR B 120 -16.99 5.50 11.91
CA THR B 120 -15.80 6.04 11.27
C THR B 120 -16.20 6.64 9.94
N LEU B 121 -15.97 7.93 9.78
CA LEU B 121 -16.34 8.65 8.56
C LEU B 121 -15.10 8.88 7.70
N PHE B 122 -15.20 8.47 6.44
CA PHE B 122 -14.10 8.60 5.51
C PHE B 122 -14.41 9.64 4.46
N PRO B 123 -13.51 10.59 4.21
CA PRO B 123 -13.69 11.53 3.12
C PRO B 123 -13.35 10.88 1.80
N PRO B 124 -13.61 11.58 0.69
CA PRO B 124 -13.37 10.98 -0.63
C PRO B 124 -11.91 10.56 -0.79
N SER B 125 -11.72 9.39 -1.38
CA SER B 125 -10.37 8.93 -1.67
C SER B 125 -9.78 9.68 -2.85
N SER B 126 -8.45 9.73 -2.89
CA SER B 126 -7.78 10.43 -3.98
C SER B 126 -8.14 9.81 -5.33
N GLU B 127 -8.15 8.47 -5.41
CA GLU B 127 -8.42 7.82 -6.68
C GLU B 127 -9.80 8.20 -7.20
N GLU B 128 -10.83 8.19 -6.34
CA GLU B 128 -12.17 8.44 -6.85
C GLU B 128 -12.34 9.90 -7.25
N LEU B 129 -11.62 10.82 -6.60
CA LEU B 129 -11.68 12.23 -7.00
C LEU B 129 -11.10 12.43 -8.39
N GLN B 130 -10.01 11.72 -8.70
CA GLN B 130 -9.46 11.78 -10.06
C GLN B 130 -10.43 11.20 -11.07
N ALA B 131 -11.27 10.25 -10.65
CA ALA B 131 -12.33 9.70 -11.47
C ALA B 131 -13.61 10.53 -11.40
N ASN B 132 -13.52 11.75 -10.87
CA ASN B 132 -14.65 12.68 -10.84
C ASN B 132 -15.78 12.16 -9.97
N LYS B 133 -15.44 11.55 -8.83
CA LYS B 133 -16.42 11.05 -7.88
C LYS B 133 -15.97 11.42 -6.48
N ALA B 134 -16.93 11.73 -5.61
CA ALA B 134 -16.64 12.16 -4.23
C ALA B 134 -17.51 11.42 -3.21
N THR B 135 -17.72 10.12 -3.40
CA THR B 135 -18.50 9.33 -2.46
C THR B 135 -17.85 9.29 -1.09
N LEU B 136 -18.65 9.54 -0.05
CA LEU B 136 -18.25 9.43 1.34
C LEU B 136 -18.81 8.13 1.91
N VAL B 137 -18.07 7.52 2.85
CA VAL B 137 -18.54 6.32 3.51
C VAL B 137 -18.45 6.51 5.02
N CYS B 138 -19.54 6.19 5.71
CA CYS B 138 -19.67 6.17 7.15
C CYS B 138 -19.76 4.70 7.56
N LEU B 139 -18.68 4.16 8.11
CA LEU B 139 -18.64 2.77 8.54
C LEU B 139 -19.19 2.68 9.97
N ILE B 140 -20.13 1.78 10.19
CA ILE B 140 -20.86 1.65 11.45
C ILE B 140 -20.74 0.20 11.88
N SER B 141 -20.00 -0.06 12.95
CA SER B 141 -19.66 -1.44 13.25
C SER B 141 -19.75 -1.72 14.75
N ASP B 142 -19.88 -3.02 15.06
CA ASP B 142 -19.80 -3.55 16.42
C ASP B 142 -20.93 -3.06 17.31
N PHE B 143 -22.12 -2.84 16.75
CA PHE B 143 -23.28 -2.47 17.54
C PHE B 143 -24.22 -3.66 17.72
N TYR B 144 -25.09 -3.54 18.74
CA TYR B 144 -26.05 -4.58 19.05
C TYR B 144 -27.12 -3.97 19.94
N PRO B 145 -28.40 -4.26 19.71
CA PRO B 145 -28.97 -5.06 18.61
C PRO B 145 -28.77 -4.39 17.24
N GLY B 146 -29.31 -4.97 16.18
CA GLY B 146 -28.89 -4.59 14.84
C GLY B 146 -29.74 -3.54 14.15
N ALA B 147 -30.35 -2.63 14.88
CA ALA B 147 -31.14 -1.55 14.32
C ALA B 147 -30.38 -0.24 14.44
N VAL B 148 -30.35 0.52 13.35
CA VAL B 148 -29.62 1.80 13.29
C VAL B 148 -30.30 2.69 12.27
N THR B 149 -30.36 3.98 12.55
CA THR B 149 -30.75 4.98 11.56
C THR B 149 -29.60 5.94 11.35
N VAL B 150 -29.52 6.49 10.14
CA VAL B 150 -28.40 7.32 9.72
C VAL B 150 -28.93 8.57 9.07
N ALA B 151 -28.42 9.73 9.48
CA ALA B 151 -28.73 11.01 8.86
C ALA B 151 -27.43 11.71 8.52
N TRP B 152 -27.42 12.42 7.40
CA TRP B 152 -26.25 13.12 6.90
C TRP B 152 -26.50 14.63 6.90
N LYS B 153 -25.44 15.38 7.06
CA LYS B 153 -25.49 16.84 7.06
C LYS B 153 -24.46 17.40 6.07
N ALA B 154 -24.86 18.44 5.36
CA ALA B 154 -23.96 19.22 4.51
C ALA B 154 -23.82 20.57 5.21
N ASP B 155 -22.62 20.86 5.71
CA ASP B 155 -22.47 21.90 6.73
C ASP B 155 -23.42 21.56 7.86
N SER B 156 -24.34 22.46 8.23
CA SER B 156 -25.29 22.15 9.29
C SER B 156 -26.64 21.64 8.77
N SER B 157 -26.82 21.57 7.47
CA SER B 157 -28.16 21.35 6.91
C SER B 157 -28.39 19.89 6.56
N PRO B 158 -29.61 19.37 6.77
CA PRO B 158 -29.89 17.98 6.38
C PRO B 158 -29.65 17.75 4.90
N VAL B 159 -29.11 16.56 4.58
CA VAL B 159 -29.02 16.05 3.23
C VAL B 159 -30.21 15.13 3.00
N LYS B 160 -30.94 15.36 1.92
CA LYS B 160 -32.16 14.62 1.65
C LYS B 160 -32.05 13.68 0.45
N ALA B 161 -30.95 13.76 -0.31
CA ALA B 161 -30.79 12.99 -1.55
C ALA B 161 -29.39 12.40 -1.59
N GLY B 162 -29.29 11.21 -2.18
CA GLY B 162 -28.02 10.57 -2.44
C GLY B 162 -27.51 9.65 -1.36
N VAL B 163 -28.33 9.35 -0.35
CA VAL B 163 -27.93 8.54 0.79
C VAL B 163 -28.34 7.10 0.54
N GLU B 164 -27.43 6.18 0.84
CA GLU B 164 -27.77 4.76 0.91
C GLU B 164 -27.12 4.20 2.16
N THR B 165 -27.86 3.40 2.92
CA THR B 165 -27.33 2.70 4.09
C THR B 165 -27.68 1.22 3.95
N THR B 166 -26.68 0.37 4.11
CA THR B 166 -26.90 -1.05 3.94
C THR B 166 -27.64 -1.64 5.14
N THR B 167 -28.30 -2.76 4.90
CA THR B 167 -29.02 -3.47 5.94
C THR B 167 -28.01 -4.06 6.93
N PRO B 168 -28.12 -3.76 8.21
CA PRO B 168 -27.12 -4.27 9.17
C PRO B 168 -27.01 -5.79 9.10
N SER B 169 -25.78 -6.30 9.12
CA SER B 169 -25.54 -7.73 9.09
C SER B 169 -24.61 -8.10 10.24
N LYS B 170 -24.84 -9.30 10.80
CA LYS B 170 -24.05 -9.78 11.92
C LYS B 170 -22.71 -10.30 11.43
N GLN B 171 -21.63 -9.84 12.05
CA GLN B 171 -20.29 -10.19 11.65
C GLN B 171 -19.75 -11.26 12.61
N SER B 172 -18.46 -11.59 12.44
CA SER B 172 -17.89 -12.73 13.17
C SER B 172 -17.84 -12.51 14.67
N ASN B 173 -17.87 -11.27 15.15
CA ASN B 173 -17.93 -11.00 16.58
C ASN B 173 -19.36 -11.00 17.12
N ASN B 174 -20.32 -11.43 16.29
CA ASN B 174 -21.73 -11.52 16.64
C ASN B 174 -22.34 -10.15 16.92
N LYS B 175 -21.71 -9.10 16.40
CA LYS B 175 -22.24 -7.75 16.45
C LYS B 175 -22.45 -7.25 15.03
N TYR B 176 -23.34 -6.29 14.87
CA TYR B 176 -23.78 -5.87 13.55
C TYR B 176 -22.88 -4.80 12.96
N ALA B 177 -22.90 -4.72 11.63
CA ALA B 177 -22.13 -3.73 10.91
C ALA B 177 -22.94 -3.26 9.71
N ALA B 178 -22.71 -2.01 9.34
CA ALA B 178 -23.36 -1.41 8.20
C ALA B 178 -22.50 -0.26 7.72
N SER B 179 -22.74 0.14 6.49
CA SER B 179 -22.12 1.33 5.93
C SER B 179 -23.20 2.21 5.33
N SER B 180 -23.05 3.51 5.55
CA SER B 180 -23.85 4.51 4.85
C SER B 180 -22.91 5.25 3.90
N TYR B 181 -23.33 5.43 2.65
CA TYR B 181 -22.49 6.12 1.69
C TYR B 181 -23.29 7.22 1.02
N LEU B 182 -22.65 8.38 0.89
CA LEU B 182 -23.25 9.57 0.32
C LEU B 182 -22.54 9.88 -0.99
N SER B 183 -23.28 9.83 -2.10
CA SER B 183 -22.68 9.91 -3.42
C SER B 183 -22.65 11.37 -3.87
N LEU B 184 -21.57 12.06 -3.51
CA LEU B 184 -21.38 13.45 -3.93
C LEU B 184 -20.58 13.54 -5.22
N THR B 185 -20.83 14.60 -5.98
CA THR B 185 -19.89 15.03 -7.00
C THR B 185 -18.74 15.77 -6.34
N PRO B 186 -17.57 15.81 -6.98
CA PRO B 186 -16.48 16.60 -6.41
C PRO B 186 -16.87 18.06 -6.18
N GLU B 187 -17.79 18.60 -6.99
CA GLU B 187 -18.22 19.97 -6.80
C GLU B 187 -19.00 20.14 -5.51
N GLN B 188 -19.91 19.20 -5.20
CA GLN B 188 -20.65 19.26 -3.95
C GLN B 188 -19.70 19.16 -2.76
N TRP B 189 -18.70 18.29 -2.85
CA TRP B 189 -17.76 18.08 -1.75
C TRP B 189 -16.93 19.33 -1.49
N LYS B 190 -16.39 19.92 -2.56
CA LYS B 190 -15.55 21.10 -2.42
C LYS B 190 -16.33 22.36 -2.07
N SER B 191 -17.63 22.39 -2.32
CA SER B 191 -18.41 23.61 -2.10
C SER B 191 -19.00 23.71 -0.71
N HIS B 192 -18.74 22.75 0.18
CA HIS B 192 -19.21 22.82 1.56
C HIS B 192 -18.03 22.82 2.52
N ARG B 193 -18.26 23.39 3.70
CA ARG B 193 -17.19 23.42 4.70
C ARG B 193 -16.98 22.05 5.30
N SER B 194 -18.03 21.24 5.42
CA SER B 194 -17.88 19.90 5.95
C SER B 194 -19.11 19.08 5.61
N TYR B 195 -19.01 17.79 5.89
CA TYR B 195 -20.11 16.85 5.83
C TYR B 195 -20.07 16.01 7.11
N SER B 196 -21.24 15.66 7.62
CA SER B 196 -21.33 14.87 8.84
C SER B 196 -22.28 13.68 8.63
N CYS B 197 -21.99 12.61 9.36
CA CYS B 197 -22.81 11.42 9.44
C CYS B 197 -23.25 11.27 10.89
N GLN B 198 -24.55 11.23 11.14
CA GLN B 198 -25.06 10.99 12.48
C GLN B 198 -25.73 9.63 12.53
N VAL B 199 -25.26 8.78 13.43
CA VAL B 199 -25.78 7.43 13.63
C VAL B 199 -26.57 7.42 14.92
N THR B 200 -27.79 6.90 14.86
CA THR B 200 -28.65 6.78 16.02
C THR B 200 -28.87 5.30 16.33
N HIS B 201 -28.55 4.92 17.56
CA HIS B 201 -28.69 3.53 18.01
C HIS B 201 -29.22 3.53 19.44
N GLU B 202 -30.37 2.92 19.65
CA GLU B 202 -30.98 2.83 20.98
C GLU B 202 -31.05 4.21 21.63
N GLY B 203 -31.55 5.19 20.88
CA GLY B 203 -31.78 6.52 21.38
C GLY B 203 -30.55 7.38 21.55
N SER B 204 -29.36 6.81 21.46
CA SER B 204 -28.11 7.57 21.53
C SER B 204 -27.60 7.84 20.11
N THR B 205 -27.04 9.03 19.90
CA THR B 205 -26.55 9.43 18.59
C THR B 205 -25.06 9.73 18.65
N VAL B 206 -24.35 9.31 17.60
CA VAL B 206 -22.93 9.58 17.41
C VAL B 206 -22.77 10.33 16.10
N GLU B 207 -22.05 11.45 16.11
CA GLU B 207 -21.84 12.23 14.90
C GLU B 207 -20.36 12.37 14.59
N LYS B 208 -20.01 12.13 13.33
CA LYS B 208 -18.67 12.36 12.81
C LYS B 208 -18.75 13.37 11.68
N THR B 209 -17.65 14.11 11.51
CA THR B 209 -17.57 15.25 10.61
C THR B 209 -16.23 15.20 9.88
N VAL B 210 -16.26 15.38 8.56
CA VAL B 210 -15.06 15.46 7.76
C VAL B 210 -15.15 16.69 6.85
N ALA B 211 -13.99 17.17 6.42
CA ALA B 211 -13.90 18.37 5.60
C ALA B 211 -12.88 18.13 4.51
N PRO B 212 -12.95 18.89 3.41
CA PRO B 212 -11.89 18.83 2.40
C PRO B 212 -10.57 19.28 2.99
N THR B 213 -9.48 18.82 2.37
CA THR B 213 -8.15 19.27 2.78
C THR B 213 -7.23 19.47 1.58
N ALA C 3 13.17 30.40 1.32
CA ALA C 3 13.26 29.77 0.00
C ALA C 3 11.86 29.56 -0.57
N LEU C 4 11.80 28.86 -1.70
CA LEU C 4 10.57 28.40 -2.29
C LEU C 4 10.52 26.88 -2.23
N THR C 5 9.31 26.32 -2.19
CA THR C 5 9.11 24.89 -2.02
C THR C 5 8.63 24.28 -3.33
N GLN C 6 9.41 23.36 -3.88
CA GLN C 6 9.00 22.49 -4.96
C GLN C 6 9.00 21.04 -4.48
N PRO C 7 8.12 20.20 -5.01
CA PRO C 7 8.24 18.76 -4.74
C PRO C 7 9.57 18.24 -5.28
N PRO C 8 10.21 17.33 -4.55
CA PRO C 8 11.52 16.87 -5.02
C PRO C 8 11.47 16.12 -6.34
N SER C 9 10.35 15.51 -6.69
CA SER C 9 10.30 14.71 -7.91
C SER C 9 8.90 14.68 -8.50
N ALA C 10 8.84 14.36 -9.79
CA ALA C 10 7.61 14.13 -10.52
C ALA C 10 7.93 13.20 -11.67
N SER C 11 6.89 12.60 -12.27
CA SER C 11 7.11 11.69 -13.37
C SER C 11 5.88 11.65 -14.28
N GLY C 12 6.13 11.20 -15.51
CA GLY C 12 5.04 10.83 -16.40
C GLY C 12 5.59 9.96 -17.51
N SER C 13 4.68 9.38 -18.28
CA SER C 13 5.12 8.58 -19.41
C SER C 13 5.14 9.43 -20.68
N PRO C 14 5.89 9.02 -21.70
CA PRO C 14 5.96 9.81 -22.93
C PRO C 14 4.57 10.11 -23.47
N GLY C 15 4.34 11.38 -23.84
CA GLY C 15 3.05 11.82 -24.32
C GLY C 15 2.12 12.34 -23.24
N GLN C 16 2.42 12.08 -21.97
CA GLN C 16 1.59 12.57 -20.88
C GLN C 16 1.96 14.03 -20.54
N SER C 17 1.20 14.60 -19.64
CA SER C 17 1.50 15.91 -19.06
C SER C 17 1.92 15.74 -17.61
N VAL C 18 2.73 16.68 -17.14
CA VAL C 18 3.13 16.75 -15.74
C VAL C 18 3.06 18.21 -15.33
N THR C 19 2.54 18.45 -14.13
CA THR C 19 2.49 19.79 -13.55
C THR C 19 3.26 19.78 -12.24
N ILE C 20 4.16 20.74 -12.08
CA ILE C 20 4.98 20.82 -10.88
C ILE C 20 4.81 22.20 -10.27
N SER C 21 4.78 22.25 -8.94
CA SER C 21 4.38 23.44 -8.20
C SER C 21 5.59 24.08 -7.52
N CYS C 22 5.43 25.38 -7.23
CA CYS C 22 6.48 26.22 -6.67
C CYS C 22 5.77 27.17 -5.70
N THR C 23 5.92 26.90 -4.40
CA THR C 23 5.13 27.60 -3.38
C THR C 23 6.02 28.56 -2.61
N GLY C 24 5.63 29.84 -2.59
CA GLY C 24 6.30 30.85 -1.80
C GLY C 24 5.34 31.49 -0.83
N THR C 25 5.45 32.81 -0.65
CA THR C 25 4.61 33.55 0.29
C THR C 25 4.03 34.78 -0.40
N SER C 26 3.20 35.51 0.34
CA SER C 26 2.57 36.71 -0.19
C SER C 26 3.60 37.73 -0.68
N SER C 27 4.81 37.72 -0.12
CA SER C 27 5.81 38.72 -0.44
C SER C 27 6.78 38.28 -1.55
N ASP C 28 6.66 37.07 -2.08
CA ASP C 28 7.49 36.68 -3.21
C ASP C 28 6.63 36.17 -4.37
N VAL C 29 6.30 34.87 -4.38
CA VAL C 29 5.53 34.33 -5.50
C VAL C 29 4.21 35.09 -5.64
N GLY C 30 3.58 35.43 -4.53
CA GLY C 30 2.31 36.12 -4.57
C GLY C 30 2.38 37.62 -4.61
N GLY C 31 3.57 38.19 -4.61
CA GLY C 31 3.73 39.64 -4.52
C GLY C 31 3.81 40.32 -5.86
N SER C 32 4.26 39.60 -6.88
CA SER C 32 4.39 40.17 -8.21
C SER C 32 4.31 39.04 -9.23
N ASP C 33 4.38 39.41 -10.51
CA ASP C 33 4.40 38.45 -11.61
C ASP C 33 5.82 38.24 -12.12
N SER C 34 6.67 37.68 -11.25
CA SER C 34 8.10 37.58 -11.52
C SER C 34 8.63 36.15 -11.45
N VAL C 35 7.75 35.15 -11.53
CA VAL C 35 8.20 33.76 -11.41
C VAL C 35 8.93 33.38 -12.68
N SER C 36 10.12 32.80 -12.53
CA SER C 36 10.84 32.20 -13.64
C SER C 36 11.01 30.70 -13.39
N TRP C 37 11.13 29.94 -14.49
CA TRP C 37 11.42 28.52 -14.44
C TRP C 37 12.65 28.23 -15.26
N TYR C 38 13.45 27.30 -14.76
CA TYR C 38 14.70 26.92 -15.41
C TYR C 38 14.77 25.41 -15.54
N GLN C 39 15.32 24.96 -16.66
CA GLN C 39 15.50 23.54 -16.95
C GLN C 39 16.98 23.21 -16.94
N GLN C 40 17.36 22.13 -16.25
CA GLN C 40 18.74 21.68 -16.27
C GLN C 40 18.79 20.18 -16.50
N HIS C 41 19.38 19.80 -17.63
CA HIS C 41 19.83 18.43 -17.77
C HIS C 41 21.09 18.24 -16.92
N PRO C 42 21.20 17.14 -16.19
CA PRO C 42 22.33 17.01 -15.24
C PRO C 42 23.67 17.19 -15.94
N GLY C 43 24.52 18.04 -15.36
CA GLY C 43 25.86 18.25 -15.87
C GLY C 43 25.98 19.22 -17.02
N LYS C 44 24.89 19.87 -17.42
CA LYS C 44 24.89 20.85 -18.49
C LYS C 44 24.34 22.16 -17.95
N ALA C 45 24.57 23.24 -18.68
CA ALA C 45 24.07 24.54 -18.28
C ALA C 45 22.55 24.51 -18.13
N PRO C 46 21.99 25.18 -17.12
CA PRO C 46 20.53 25.37 -17.09
C PRO C 46 20.10 26.32 -18.19
N LYS C 47 18.79 26.34 -18.43
CA LYS C 47 18.19 27.18 -19.46
C LYS C 47 16.94 27.80 -18.88
N LEU C 48 16.78 29.11 -19.10
CA LEU C 48 15.52 29.77 -18.79
C LEU C 48 14.44 29.30 -19.75
N ILE C 49 13.33 28.82 -19.22
CA ILE C 49 12.24 28.34 -20.08
C ILE C 49 10.94 29.11 -19.87
N ILE C 50 10.76 29.78 -18.74
CA ILE C 50 9.60 30.62 -18.46
C ILE C 50 10.07 31.80 -17.65
N TYR C 51 9.56 32.99 -17.97
CA TYR C 51 9.77 34.18 -17.15
C TYR C 51 8.47 34.94 -17.02
N GLU C 52 8.40 35.80 -16.01
CA GLU C 52 7.19 36.57 -15.71
C GLU C 52 5.95 35.67 -15.73
N VAL C 53 6.09 34.53 -15.05
CA VAL C 53 5.05 33.56 -14.76
C VAL C 53 4.72 32.70 -15.98
N SER C 54 4.55 33.33 -17.14
CA SER C 54 3.95 32.67 -18.30
C SER C 54 4.71 32.84 -19.61
N GLN C 55 5.77 33.63 -19.65
CA GLN C 55 6.40 33.99 -20.91
C GLN C 55 7.47 32.97 -21.31
N ARG C 56 7.40 32.50 -22.55
CA ARG C 56 8.40 31.58 -23.07
C ARG C 56 9.45 32.35 -23.83
N PRO C 57 10.74 32.17 -23.54
CA PRO C 57 11.79 32.71 -24.42
C PRO C 57 11.65 32.14 -25.83
N SER C 58 12.26 32.83 -26.78
CA SER C 58 12.34 32.31 -28.14
C SER C 58 12.92 30.90 -28.14
N GLY C 59 12.32 30.00 -28.92
CA GLY C 59 12.83 28.65 -29.08
C GLY C 59 12.26 27.63 -28.13
N VAL C 60 11.68 28.05 -27.01
CA VAL C 60 11.05 27.13 -26.06
C VAL C 60 9.70 26.70 -26.62
N PRO C 61 9.44 25.41 -26.77
CA PRO C 61 8.17 24.99 -27.37
C PRO C 61 7.00 25.30 -26.45
N ASN C 62 5.83 25.53 -27.05
CA ASN C 62 4.64 25.85 -26.28
C ASN C 62 4.12 24.68 -25.47
N ARG C 63 4.78 23.51 -25.52
CA ARG C 63 4.44 22.44 -24.59
C ARG C 63 4.72 22.84 -23.16
N PHE C 64 5.58 23.84 -22.95
CA PHE C 64 5.87 24.37 -21.63
C PHE C 64 4.97 25.58 -21.38
N SER C 65 4.20 25.55 -20.29
CA SER C 65 3.37 26.69 -19.93
C SER C 65 3.48 26.95 -18.43
N GLY C 66 3.39 28.21 -18.07
CA GLY C 66 3.50 28.64 -16.69
C GLY C 66 2.27 29.42 -16.26
N SER C 67 1.87 29.23 -15.00
CA SER C 67 0.71 29.90 -14.43
C SER C 67 0.96 30.14 -12.95
N LYS C 68 0.06 30.91 -12.34
CA LYS C 68 0.17 31.24 -10.94
C LYS C 68 -1.21 31.48 -10.37
N SER C 69 -1.40 31.06 -9.12
CA SER C 69 -2.64 31.31 -8.37
C SER C 69 -2.27 31.55 -6.93
N GLY C 70 -2.37 32.80 -6.49
CA GLY C 70 -1.99 33.16 -5.14
C GLY C 70 -0.50 33.08 -4.92
N ASN C 71 -0.06 32.25 -3.98
CA ASN C 71 1.35 32.11 -3.64
C ASN C 71 1.99 30.87 -4.24
N THR C 72 1.32 30.22 -5.19
CA THR C 72 1.83 29.00 -5.81
C THR C 72 1.86 29.19 -7.32
N ALA C 73 3.04 29.07 -7.90
CA ALA C 73 3.23 29.00 -9.34
C ALA C 73 3.37 27.55 -9.77
N SER C 74 3.03 27.29 -11.03
CA SER C 74 3.08 25.94 -11.56
C SER C 74 3.61 25.95 -12.98
N LEU C 75 4.43 24.96 -13.28
CA LEU C 75 4.88 24.68 -14.63
C LEU C 75 4.19 23.41 -15.11
N THR C 76 3.60 23.47 -16.29
CA THR C 76 3.02 22.30 -16.92
C THR C 76 3.80 21.96 -18.18
N VAL C 77 4.20 20.70 -18.30
CA VAL C 77 4.85 20.18 -19.49
C VAL C 77 3.89 19.17 -20.12
N SER C 78 3.35 19.52 -21.28
CA SER C 78 2.46 18.63 -22.01
C SER C 78 3.25 17.84 -23.03
N GLY C 79 2.69 16.68 -23.42
CA GLY C 79 3.31 15.86 -24.43
C GLY C 79 4.75 15.51 -24.12
N LEU C 80 4.98 14.95 -22.94
CA LEU C 80 6.33 14.70 -22.45
C LEU C 80 7.16 13.97 -23.49
N GLN C 81 8.33 14.50 -23.76
CA GLN C 81 9.33 13.90 -24.63
C GLN C 81 10.53 13.48 -23.81
N ALA C 82 11.34 12.58 -24.38
CA ALA C 82 12.53 12.10 -23.69
C ALA C 82 13.41 13.26 -23.23
N GLU C 83 13.47 14.35 -24.00
CA GLU C 83 14.36 15.45 -23.65
C GLU C 83 13.85 16.26 -22.46
N ASP C 84 12.58 16.12 -22.09
CA ASP C 84 12.06 16.85 -20.95
C ASP C 84 12.53 16.27 -19.62
N ASP C 85 13.19 15.12 -19.65
CA ASP C 85 13.71 14.49 -18.45
C ASP C 85 14.88 15.33 -17.93
N ALA C 86 14.70 15.94 -16.77
CA ALA C 86 15.61 16.99 -16.30
C ALA C 86 15.18 17.44 -14.93
N ASP C 87 15.99 18.31 -14.32
CA ASP C 87 15.62 19.00 -13.09
C ASP C 87 15.07 20.39 -13.43
N TYR C 88 14.05 20.80 -12.71
CA TYR C 88 13.37 22.06 -13.00
C TYR C 88 13.37 22.92 -11.74
N TYR C 89 13.79 24.18 -11.88
CA TYR C 89 13.87 25.13 -10.79
C TYR C 89 12.95 26.32 -11.05
N CYS C 90 12.35 26.83 -9.99
CA CYS C 90 11.63 28.10 -10.02
C CYS C 90 12.36 29.16 -9.23
N SER C 91 12.08 30.41 -9.59
CA SER C 91 12.59 31.55 -8.86
C SER C 91 11.52 32.62 -8.82
N SER C 92 11.70 33.56 -7.90
CA SER C 92 10.80 34.69 -7.76
C SER C 92 11.56 35.79 -7.05
N TYR C 93 11.24 37.03 -7.39
CA TYR C 93 11.72 38.14 -6.58
C TYR C 93 11.12 38.05 -5.19
N GLY C 94 11.87 38.51 -4.19
CA GLY C 94 11.41 38.42 -2.83
C GLY C 94 12.33 39.16 -1.88
N GLY C 95 11.84 39.40 -0.67
CA GLY C 95 12.63 40.06 0.36
C GLY C 95 12.98 41.48 -0.02
N ASP C 96 14.21 41.89 0.33
CA ASP C 96 14.74 43.20 0.01
C ASP C 96 15.50 43.08 -1.31
N ASN C 97 14.80 43.35 -2.41
CA ASN C 97 15.28 43.08 -3.77
C ASN C 97 16.18 41.86 -3.81
N ASN C 98 15.72 40.77 -3.21
CA ASN C 98 16.41 39.49 -3.24
C ASN C 98 15.75 38.56 -4.25
N LEU C 99 16.46 37.52 -4.63
CA LEU C 99 15.98 36.49 -5.54
C LEU C 99 15.80 35.20 -4.77
N PHE C 100 14.60 34.61 -4.84
CA PHE C 100 14.26 33.41 -4.10
C PHE C 100 14.14 32.24 -5.08
N PHE C 101 14.74 31.11 -4.71
CA PHE C 101 14.78 29.93 -5.55
C PHE C 101 14.07 28.75 -4.88
N GLY C 102 13.48 27.89 -5.72
CA GLY C 102 13.03 26.59 -5.26
C GLY C 102 14.17 25.60 -5.27
N GLY C 103 13.95 24.48 -4.58
CA GLY C 103 14.98 23.47 -4.45
C GLY C 103 15.08 22.52 -5.61
N GLY C 104 14.21 22.65 -6.61
CA GLY C 104 14.28 21.81 -7.79
C GLY C 104 13.41 20.58 -7.76
N THR C 105 12.82 20.24 -8.90
CA THR C 105 12.01 19.04 -9.06
C THR C 105 12.65 18.18 -10.15
N LYS C 106 12.98 16.93 -9.80
CA LYS C 106 13.48 15.98 -10.77
C LYS C 106 12.30 15.36 -11.50
N VAL C 107 12.21 15.59 -12.82
CA VAL C 107 11.12 15.06 -13.63
C VAL C 107 11.66 13.87 -14.42
N THR C 108 11.05 12.70 -14.19
CA THR C 108 11.43 11.49 -14.91
C THR C 108 10.37 11.18 -15.94
N VAL C 109 10.80 11.05 -17.19
CA VAL C 109 9.96 10.45 -18.24
C VAL C 109 10.18 8.95 -18.13
N LEU C 110 9.13 8.23 -17.69
CA LEU C 110 9.28 6.82 -17.32
C LEU C 110 9.89 6.01 -18.45
N GLY C 111 11.01 5.35 -18.13
CA GLY C 111 11.70 4.50 -19.07
C GLY C 111 11.50 3.02 -18.84
N GLN C 112 10.75 2.66 -17.79
CA GLN C 112 10.48 1.29 -17.35
C GLN C 112 9.35 1.39 -16.33
N PRO C 113 8.78 0.28 -15.86
CA PRO C 113 7.70 0.37 -14.89
C PRO C 113 8.16 1.03 -13.61
N LYS C 114 7.22 1.69 -12.94
CA LYS C 114 7.48 2.16 -11.58
C LYS C 114 7.62 0.99 -10.64
N ALA C 115 8.48 1.16 -9.65
CA ALA C 115 8.73 0.14 -8.64
C ALA C 115 8.91 0.82 -7.29
N ALA C 116 8.15 0.37 -6.30
CA ALA C 116 8.23 0.91 -4.96
C ALA C 116 9.46 0.33 -4.23
N PRO C 117 10.06 1.12 -3.34
CA PRO C 117 11.31 0.65 -2.70
C PRO C 117 11.05 -0.39 -1.63
N SER C 118 11.95 -1.36 -1.58
CA SER C 118 12.09 -2.23 -0.41
C SER C 118 12.97 -1.52 0.62
N VAL C 119 12.44 -1.34 1.83
CA VAL C 119 13.10 -0.55 2.88
C VAL C 119 13.38 -1.47 4.06
N THR C 120 14.62 -1.46 4.54
CA THR C 120 15.01 -2.26 5.68
C THR C 120 15.85 -1.41 6.61
N LEU C 121 15.47 -1.35 7.88
CA LEU C 121 16.11 -0.49 8.87
C LEU C 121 16.89 -1.36 9.85
N PHE C 122 18.17 -1.02 10.05
CA PHE C 122 19.05 -1.80 10.92
C PHE C 122 19.42 -1.02 12.17
N PRO C 123 19.29 -1.60 13.36
CA PRO C 123 19.80 -0.93 14.58
C PRO C 123 21.32 -0.98 14.62
N PRO C 124 21.94 -0.38 15.63
CA PRO C 124 23.41 -0.38 15.68
C PRO C 124 23.95 -1.80 15.84
N SER C 125 25.04 -2.09 15.15
CA SER C 125 25.71 -3.37 15.30
C SER C 125 26.48 -3.41 16.61
N SER C 126 26.68 -4.62 17.14
CA SER C 126 27.35 -4.74 18.44
C SER C 126 28.77 -4.21 18.36
N GLU C 127 29.50 -4.53 17.29
CA GLU C 127 30.90 -4.10 17.21
C GLU C 127 31.03 -2.58 17.20
N GLU C 128 30.24 -1.89 16.37
CA GLU C 128 30.35 -0.44 16.36
C GLU C 128 30.00 0.14 17.73
N LEU C 129 29.10 -0.52 18.47
CA LEU C 129 28.73 -0.02 19.79
C LEU C 129 29.88 -0.17 20.78
N GLN C 130 30.70 -1.21 20.65
CA GLN C 130 31.93 -1.29 21.43
C GLN C 130 32.92 -0.22 21.01
N ALA C 131 32.76 0.37 19.83
CA ALA C 131 33.61 1.45 19.37
C ALA C 131 32.97 2.82 19.56
N ASN C 132 31.97 2.93 20.44
CA ASN C 132 31.34 4.21 20.78
C ASN C 132 30.63 4.83 19.58
N LYS C 133 30.19 4.01 18.63
CA LYS C 133 29.39 4.47 17.49
C LYS C 133 28.10 3.68 17.45
N ALA C 134 26.99 4.37 17.19
CA ALA C 134 25.69 3.72 17.08
C ALA C 134 25.00 4.15 15.79
N THR C 135 25.72 4.04 14.67
CA THR C 135 25.15 4.39 13.38
C THR C 135 24.04 3.42 13.01
N LEU C 136 22.90 3.97 12.59
CA LEU C 136 21.82 3.18 12.00
C LEU C 136 21.86 3.36 10.50
N VAL C 137 21.42 2.34 9.78
CA VAL C 137 21.35 2.41 8.32
C VAL C 137 19.97 1.98 7.87
N CYS C 138 19.49 2.64 6.82
CA CYS C 138 18.18 2.41 6.23
C CYS C 138 18.49 2.09 4.78
N LEU C 139 18.39 0.80 4.44
CA LEU C 139 18.65 0.31 3.09
C LEU C 139 17.39 0.46 2.26
N ILE C 140 17.55 0.97 1.05
CA ILE C 140 16.42 1.33 0.17
C ILE C 140 16.78 0.79 -1.22
N SER C 141 16.04 -0.21 -1.69
CA SER C 141 16.44 -0.90 -2.91
C SER C 141 15.24 -1.17 -3.82
N ASP C 142 15.57 -1.45 -5.07
CA ASP C 142 14.61 -1.99 -6.04
C ASP C 142 13.50 -0.99 -6.39
N PHE C 143 13.83 0.29 -6.53
CA PHE C 143 12.81 1.29 -6.84
C PHE C 143 13.06 1.97 -8.18
N TYR C 144 11.98 2.51 -8.74
CA TYR C 144 12.05 3.30 -9.95
C TYR C 144 10.84 4.22 -9.96
N PRO C 145 11.00 5.50 -10.35
CA PRO C 145 12.22 6.22 -10.73
C PRO C 145 13.23 6.34 -9.59
N GLY C 146 14.44 6.79 -9.90
CA GLY C 146 15.53 6.78 -8.94
C GLY C 146 15.51 7.88 -7.90
N ALA C 147 14.38 8.55 -7.69
CA ALA C 147 14.29 9.65 -6.74
C ALA C 147 13.58 9.19 -5.48
N VAL C 148 14.21 9.44 -4.32
CA VAL C 148 13.60 9.15 -3.02
C VAL C 148 13.93 10.28 -2.06
N THR C 149 13.03 10.48 -1.10
CA THR C 149 13.21 11.41 0.01
C THR C 149 13.21 10.60 1.30
N VAL C 150 14.18 10.88 2.17
CA VAL C 150 14.33 10.14 3.41
C VAL C 150 14.17 11.11 4.57
N ALA C 151 13.33 10.73 5.53
CA ALA C 151 13.15 11.49 6.76
C ALA C 151 13.39 10.55 7.94
N TRP C 152 14.23 10.98 8.87
CA TRP C 152 14.52 10.21 10.07
C TRP C 152 13.78 10.80 11.26
N LYS C 153 13.35 9.93 12.17
CA LYS C 153 12.67 10.36 13.39
C LYS C 153 13.35 9.72 14.61
N ALA C 154 13.76 10.56 15.54
CA ALA C 154 14.12 10.13 16.89
C ALA C 154 12.84 10.15 17.71
N ASP C 155 12.35 8.97 18.09
CA ASP C 155 11.01 8.84 18.65
C ASP C 155 10.00 9.30 17.60
N SER C 156 9.33 10.43 17.85
CA SER C 156 8.43 11.03 16.89
C SER C 156 8.90 12.39 16.38
N SER C 157 9.93 12.97 16.99
CA SER C 157 10.46 14.25 16.56
C SER C 157 11.44 14.05 15.40
N PRO C 158 11.47 14.95 14.41
CA PRO C 158 12.41 14.79 13.31
C PRO C 158 13.84 15.05 13.75
N VAL C 159 14.78 14.53 12.97
CA VAL C 159 16.21 14.74 13.18
C VAL C 159 16.86 14.95 11.82
N LYS C 160 17.64 16.02 11.70
CA LYS C 160 18.39 16.30 10.49
C LYS C 160 19.89 16.13 10.64
N ALA C 161 20.43 16.37 11.83
CA ALA C 161 21.87 16.29 12.02
C ALA C 161 22.33 14.84 12.00
N GLY C 162 23.48 14.62 11.38
CA GLY C 162 24.05 13.30 11.29
C GLY C 162 23.47 12.42 10.21
N VAL C 163 22.66 12.96 9.30
CA VAL C 163 22.00 12.19 8.25
C VAL C 163 22.80 12.32 6.96
N GLU C 164 23.08 11.18 6.33
CA GLU C 164 23.64 11.12 5.00
C GLU C 164 22.85 10.09 4.20
N THR C 165 22.52 10.42 2.96
CA THR C 165 21.86 9.50 2.05
C THR C 165 22.63 9.50 0.75
N THR C 166 22.96 8.30 0.26
CA THR C 166 23.74 8.17 -0.96
C THR C 166 22.88 8.48 -2.18
N THR C 167 23.56 8.87 -3.24
CA THR C 167 22.88 9.14 -4.51
C THR C 167 22.39 7.82 -5.07
N PRO C 168 21.10 7.66 -5.37
CA PRO C 168 20.61 6.38 -5.88
C PRO C 168 21.38 5.96 -7.12
N SER C 169 21.71 4.68 -7.19
CA SER C 169 22.40 4.12 -8.35
C SER C 169 21.64 2.90 -8.85
N LYS C 170 21.73 2.67 -10.15
CA LYS C 170 21.05 1.54 -10.77
C LYS C 170 21.86 0.28 -10.55
N GLN C 171 21.19 -0.77 -10.07
CA GLN C 171 21.85 -2.01 -9.71
C GLN C 171 21.67 -3.05 -10.82
N SER C 172 22.08 -4.29 -10.54
CA SER C 172 22.16 -5.31 -11.58
C SER C 172 20.79 -5.64 -12.16
N ASN C 173 19.73 -5.44 -11.39
CA ASN C 173 18.37 -5.68 -11.85
C ASN C 173 17.75 -4.47 -12.54
N ASN C 174 18.54 -3.44 -12.82
CA ASN C 174 18.12 -2.21 -13.52
C ASN C 174 17.18 -1.35 -12.68
N LYS C 175 17.08 -1.58 -11.37
CA LYS C 175 16.34 -0.72 -10.48
C LYS C 175 17.31 -0.08 -9.48
N TYR C 176 16.87 1.01 -8.86
CA TYR C 176 17.77 1.84 -8.06
C TYR C 176 17.87 1.39 -6.62
N ALA C 177 19.03 1.67 -6.02
CA ALA C 177 19.26 1.36 -4.61
C ALA C 177 20.04 2.50 -3.98
N ALA C 178 19.77 2.74 -2.69
CA ALA C 178 20.53 3.74 -1.95
C ALA C 178 20.48 3.38 -0.46
N SER C 179 21.29 4.07 0.31
CA SER C 179 21.32 3.87 1.75
C SER C 179 21.35 5.22 2.44
N SER C 180 20.61 5.34 3.53
CA SER C 180 20.69 6.50 4.41
C SER C 180 21.20 6.02 5.75
N TYR C 181 22.18 6.73 6.29
CA TYR C 181 22.74 6.36 7.59
C TYR C 181 22.71 7.57 8.50
N LEU C 182 22.27 7.33 9.73
CA LEU C 182 22.18 8.33 10.79
C LEU C 182 23.27 8.02 11.79
N SER C 183 24.21 8.95 11.95
CA SER C 183 25.41 8.72 12.75
C SER C 183 25.15 9.19 14.18
N LEU C 184 24.69 8.27 15.01
CA LEU C 184 24.36 8.56 16.40
C LEU C 184 25.48 8.13 17.33
N THR C 185 25.58 8.82 18.47
CA THR C 185 26.42 8.34 19.56
C THR C 185 25.66 7.26 20.31
N PRO C 186 26.37 6.34 20.97
CA PRO C 186 25.67 5.38 21.83
C PRO C 186 24.74 6.04 22.83
N GLU C 187 25.06 7.24 23.29
CA GLU C 187 24.19 7.92 24.23
C GLU C 187 22.86 8.30 23.58
N GLN C 188 22.92 8.94 22.41
CA GLN C 188 21.70 9.27 21.69
C GLN C 188 20.82 8.03 21.49
N TRP C 189 21.42 6.94 21.00
CA TRP C 189 20.65 5.75 20.67
C TRP C 189 19.82 5.26 21.85
N LYS C 190 20.47 5.04 23.00
CA LYS C 190 19.76 4.49 24.14
C LYS C 190 18.90 5.53 24.85
N SER C 191 19.14 6.82 24.62
CA SER C 191 18.34 7.88 25.19
C SER C 191 17.04 8.14 24.44
N HIS C 192 16.56 7.18 23.65
CA HIS C 192 15.30 7.33 22.93
C HIS C 192 14.59 5.98 22.89
N ARG C 193 13.25 6.03 22.83
CA ARG C 193 12.46 4.81 22.83
C ARG C 193 12.52 4.08 21.48
N SER C 194 12.83 4.78 20.40
CA SER C 194 12.89 4.16 19.09
C SER C 194 13.35 5.20 18.07
N TYR C 195 13.80 4.71 16.93
CA TYR C 195 14.14 5.54 15.79
C TYR C 195 13.39 5.02 14.57
N SER C 196 13.11 5.92 13.64
CA SER C 196 12.33 5.58 12.46
C SER C 196 12.99 6.13 11.22
N CYS C 197 12.83 5.41 10.12
CA CYS C 197 13.24 5.84 8.79
C CYS C 197 11.98 5.85 7.94
N GLN C 198 11.65 7.00 7.38
CA GLN C 198 10.51 7.17 6.49
C GLN C 198 11.03 7.47 5.09
N VAL C 199 10.59 6.68 4.12
CA VAL C 199 11.04 6.78 2.74
C VAL C 199 9.83 7.15 1.88
N THR C 200 9.91 8.29 1.21
CA THR C 200 8.87 8.74 0.29
C THR C 200 9.30 8.52 -1.16
N HIS C 201 8.38 7.97 -1.96
CA HIS C 201 8.67 7.65 -3.35
C HIS C 201 7.36 7.69 -4.11
N GLU C 202 7.34 8.44 -5.21
CA GLU C 202 6.15 8.51 -6.07
C GLU C 202 4.89 8.73 -5.24
N GLY C 203 4.98 9.66 -4.30
CA GLY C 203 3.82 10.12 -3.55
C GLY C 203 3.45 9.30 -2.34
N SER C 204 4.01 8.10 -2.17
CA SER C 204 3.65 7.23 -1.06
C SER C 204 4.82 7.12 -0.09
N THR C 205 4.48 6.92 1.17
CA THR C 205 5.48 6.81 2.22
C THR C 205 5.41 5.43 2.85
N VAL C 206 6.57 4.95 3.32
CA VAL C 206 6.61 3.79 4.18
C VAL C 206 7.61 4.13 5.28
N GLU C 207 7.36 3.59 6.47
CA GLU C 207 8.12 3.94 7.65
C GLU C 207 8.49 2.66 8.39
N LYS C 208 9.78 2.51 8.67
CA LYS C 208 10.29 1.39 9.45
C LYS C 208 10.79 1.92 10.79
N THR C 209 10.70 1.09 11.82
CA THR C 209 11.09 1.52 13.16
C THR C 209 11.91 0.42 13.82
N VAL C 210 12.91 0.83 14.59
CA VAL C 210 13.69 -0.07 15.43
C VAL C 210 13.82 0.56 16.80
N ALA C 211 14.10 -0.27 17.80
CA ALA C 211 14.23 0.19 19.17
C ALA C 211 15.39 -0.51 19.83
N PRO C 212 16.02 0.11 20.85
CA PRO C 212 17.15 -0.51 21.55
C PRO C 212 16.75 -1.78 22.29
N GLN D 1 19.55 30.40 -28.86
CA GLN D 1 20.23 31.49 -28.10
C GLN D 1 21.65 31.07 -27.73
N SER D 2 22.60 31.98 -27.89
CA SER D 2 24.00 31.64 -27.71
C SER D 2 24.32 31.44 -26.23
N ALA D 3 25.32 30.62 -25.98
CA ALA D 3 25.84 30.42 -24.64
C ALA D 3 26.95 31.41 -24.37
N LEU D 4 27.11 31.77 -23.10
CA LEU D 4 28.32 32.47 -22.69
C LEU D 4 29.48 31.49 -22.70
N THR D 5 30.69 32.00 -22.86
CA THR D 5 31.88 31.18 -23.08
C THR D 5 32.68 31.06 -21.79
N GLN D 6 32.71 29.86 -21.23
CA GLN D 6 33.53 29.48 -20.09
C GLN D 6 34.50 28.38 -20.48
N PRO D 7 35.72 28.37 -19.96
CA PRO D 7 36.57 27.20 -20.16
C PRO D 7 35.87 25.97 -19.60
N PRO D 8 35.96 24.82 -20.28
CA PRO D 8 35.32 23.62 -19.73
C PRO D 8 35.91 23.17 -18.42
N SER D 9 37.17 23.50 -18.12
CA SER D 9 37.80 22.94 -16.95
C SER D 9 38.85 23.88 -16.38
N ALA D 10 39.14 23.68 -15.10
CA ALA D 10 40.15 24.43 -14.36
C ALA D 10 40.56 23.56 -13.19
N SER D 11 41.74 23.82 -12.64
CA SER D 11 42.22 22.97 -11.57
C SER D 11 43.26 23.68 -10.72
N GLY D 12 43.37 23.24 -9.48
CA GLY D 12 44.45 23.65 -8.60
C GLY D 12 44.54 22.73 -7.41
N SER D 13 45.68 22.82 -6.72
CA SER D 13 45.90 22.09 -5.48
C SER D 13 45.36 22.90 -4.31
N PRO D 14 45.21 22.28 -3.14
CA PRO D 14 44.68 23.01 -1.99
C PRO D 14 45.55 24.21 -1.66
N GLY D 15 44.90 25.33 -1.38
CA GLY D 15 45.58 26.58 -1.13
C GLY D 15 45.83 27.42 -2.36
N GLN D 16 45.75 26.84 -3.55
CA GLN D 16 45.95 27.62 -4.75
C GLN D 16 44.74 28.49 -5.04
N SER D 17 44.94 29.41 -5.97
CA SER D 17 43.86 30.21 -6.53
C SER D 17 43.54 29.72 -7.93
N VAL D 18 42.28 29.86 -8.32
CA VAL D 18 41.86 29.61 -9.69
C VAL D 18 41.00 30.79 -10.13
N THR D 19 41.22 31.25 -11.35
CA THR D 19 40.38 32.25 -11.99
C THR D 19 39.74 31.62 -13.22
N ILE D 20 38.44 31.80 -13.38
CA ILE D 20 37.71 31.26 -14.52
C ILE D 20 36.93 32.38 -15.18
N SER D 21 36.93 32.40 -16.51
CA SER D 21 36.37 33.50 -17.27
C SER D 21 35.00 33.14 -17.84
N CYS D 22 34.25 34.19 -18.14
CA CYS D 22 32.88 34.08 -18.63
C CYS D 22 32.71 35.21 -19.64
N THR D 23 32.75 34.89 -20.93
CA THR D 23 32.79 35.88 -21.98
C THR D 23 31.48 35.88 -22.75
N GLY D 24 30.86 37.05 -22.86
CA GLY D 24 29.64 37.23 -23.60
C GLY D 24 29.82 38.34 -24.62
N THR D 25 28.79 39.17 -24.73
CA THR D 25 28.77 40.25 -25.72
C THR D 25 28.39 41.56 -25.04
N SER D 26 28.48 42.64 -25.82
CA SER D 26 28.20 43.97 -25.31
C SER D 26 26.76 44.13 -24.83
N SER D 27 25.84 43.29 -25.30
CA SER D 27 24.45 43.40 -24.91
C SER D 27 24.08 42.46 -23.77
N ASP D 28 24.99 41.61 -23.30
CA ASP D 28 24.73 40.87 -22.07
C ASP D 28 25.80 41.17 -21.03
N VAL D 29 26.90 40.42 -21.04
CA VAL D 29 27.93 40.60 -20.01
C VAL D 29 28.41 42.04 -19.98
N GLY D 30 28.79 42.58 -21.14
CA GLY D 30 29.26 43.94 -21.22
C GLY D 30 28.16 44.99 -21.21
N GLY D 31 26.90 44.59 -21.04
CA GLY D 31 25.79 45.51 -21.15
C GLY D 31 25.30 46.05 -19.81
N SER D 32 25.61 45.35 -18.74
CA SER D 32 25.17 45.74 -17.40
C SER D 32 25.90 44.88 -16.38
N ASP D 33 25.60 45.10 -15.10
CA ASP D 33 26.27 44.40 -14.02
C ASP D 33 25.44 43.23 -13.49
N SER D 34 24.52 42.70 -14.29
CA SER D 34 23.71 41.57 -13.83
C SER D 34 24.39 40.22 -14.12
N VAL D 35 25.67 40.11 -13.78
CA VAL D 35 26.39 38.85 -13.93
C VAL D 35 26.31 38.10 -12.61
N SER D 36 25.98 36.82 -12.67
CA SER D 36 25.93 35.96 -11.50
C SER D 36 26.76 34.70 -11.73
N TRP D 37 27.23 34.14 -10.63
CA TRP D 37 27.93 32.85 -10.62
C TRP D 37 27.21 31.90 -9.69
N TYR D 38 27.23 30.63 -10.06
CA TYR D 38 26.62 29.56 -9.30
C TYR D 38 27.60 28.41 -9.17
N GLN D 39 27.59 27.81 -8.01
CA GLN D 39 28.39 26.63 -7.73
C GLN D 39 27.45 25.44 -7.64
N GLN D 40 27.84 24.34 -8.28
CA GLN D 40 27.02 23.14 -8.24
C GLN D 40 27.88 21.89 -8.08
N HIS D 41 27.69 21.20 -6.95
CA HIS D 41 28.25 19.86 -6.83
C HIS D 41 27.41 18.90 -7.66
N PRO D 42 28.05 17.92 -8.32
CA PRO D 42 27.28 17.03 -9.21
C PRO D 42 26.13 16.34 -8.50
N GLY D 43 24.96 16.39 -9.11
CA GLY D 43 23.79 15.72 -8.59
C GLY D 43 23.09 16.45 -7.47
N LYS D 44 23.50 17.67 -7.16
CA LYS D 44 22.92 18.46 -6.07
C LYS D 44 22.34 19.75 -6.63
N ALA D 45 21.46 20.37 -5.85
CA ALA D 45 21.01 21.71 -6.20
C ALA D 45 22.19 22.68 -6.16
N PRO D 46 22.18 23.70 -7.03
CA PRO D 46 23.27 24.66 -7.08
C PRO D 46 23.09 25.72 -6.00
N LYS D 47 24.08 26.60 -5.90
CA LYS D 47 24.06 27.72 -4.97
C LYS D 47 24.59 28.95 -5.70
N LEU D 48 23.80 30.01 -5.73
CA LEU D 48 24.31 31.28 -6.22
C LEU D 48 25.42 31.75 -5.27
N ILE D 49 26.59 32.06 -5.83
CA ILE D 49 27.70 32.53 -5.01
C ILE D 49 28.11 33.97 -5.32
N ILE D 50 27.78 34.51 -6.49
CA ILE D 50 28.01 35.91 -6.85
C ILE D 50 26.77 36.43 -7.56
N TYR D 51 26.35 37.64 -7.21
CA TYR D 51 25.36 38.39 -8.00
C TYR D 51 25.88 39.81 -8.20
N GLU D 52 25.33 40.48 -9.22
CA GLU D 52 25.72 41.84 -9.57
C GLU D 52 27.25 41.97 -9.66
N VAL D 53 27.85 41.01 -10.38
CA VAL D 53 29.28 40.99 -10.70
C VAL D 53 30.14 40.60 -9.52
N SER D 54 29.92 41.20 -8.34
CA SER D 54 30.87 41.12 -7.24
C SER D 54 30.30 40.75 -5.87
N GLN D 55 28.99 40.68 -5.71
CA GLN D 55 28.38 40.58 -4.39
C GLN D 55 28.18 39.12 -3.99
N ARG D 56 28.61 38.79 -2.76
CA ARG D 56 28.40 37.45 -2.21
C ARG D 56 27.14 37.42 -1.37
N PRO D 57 26.23 36.47 -1.59
CA PRO D 57 25.13 36.29 -0.64
C PRO D 57 25.65 35.81 0.69
N SER D 58 24.78 35.85 1.70
CA SER D 58 25.18 35.41 3.03
C SER D 58 25.59 33.94 3.00
N GLY D 59 26.61 33.61 3.78
CA GLY D 59 27.08 32.23 3.86
C GLY D 59 28.09 31.82 2.82
N VAL D 60 28.42 32.68 1.87
CA VAL D 60 29.42 32.41 0.85
C VAL D 60 30.76 33.00 1.32
N PRO D 61 31.82 32.20 1.46
CA PRO D 61 33.07 32.74 2.02
C PRO D 61 33.71 33.78 1.11
N ASN D 62 34.48 34.69 1.71
CA ASN D 62 35.08 35.77 0.94
C ASN D 62 36.26 35.28 0.09
N ARG D 63 36.51 33.97 0.05
CA ARG D 63 37.46 33.41 -0.91
C ARG D 63 36.95 33.50 -2.34
N PHE D 64 35.65 33.78 -2.52
CA PHE D 64 35.03 33.86 -3.84
C PHE D 64 34.87 35.32 -4.23
N SER D 65 35.58 35.75 -5.26
CA SER D 65 35.53 37.13 -5.73
C SER D 65 35.17 37.19 -7.21
N GLY D 66 34.35 38.17 -7.55
CA GLY D 66 33.87 38.34 -8.91
C GLY D 66 34.24 39.72 -9.43
N SER D 67 34.57 39.77 -10.72
CA SER D 67 34.89 41.04 -11.36
C SER D 67 34.45 40.99 -12.82
N LYS D 68 34.56 42.13 -13.49
CA LYS D 68 34.22 42.19 -14.91
C LYS D 68 35.11 43.20 -15.61
N SER D 69 35.51 42.87 -16.83
CA SER D 69 36.22 43.79 -17.71
C SER D 69 35.64 43.64 -19.10
N GLY D 70 35.07 44.72 -19.62
CA GLY D 70 34.45 44.65 -20.94
C GLY D 70 33.37 43.58 -21.00
N ASN D 71 33.52 42.66 -21.94
CA ASN D 71 32.55 41.60 -22.16
C ASN D 71 32.87 40.32 -21.39
N THR D 72 33.88 40.34 -20.53
CA THR D 72 34.34 39.14 -19.84
C THR D 72 34.24 39.33 -18.33
N ALA D 73 33.43 38.50 -17.69
CA ALA D 73 33.38 38.41 -16.25
C ALA D 73 34.33 37.33 -15.77
N SER D 74 34.83 37.48 -14.55
CA SER D 74 35.75 36.50 -13.99
C SER D 74 35.43 36.21 -12.53
N LEU D 75 35.64 34.95 -12.15
CA LEU D 75 35.48 34.48 -10.79
C LEU D 75 36.83 33.95 -10.33
N THR D 76 37.31 34.45 -9.20
CA THR D 76 38.52 33.91 -8.60
C THR D 76 38.16 33.22 -7.29
N VAL D 77 38.65 32.00 -7.14
CA VAL D 77 38.49 31.22 -5.94
C VAL D 77 39.87 31.12 -5.30
N SER D 78 40.04 31.75 -4.15
CA SER D 78 41.30 31.66 -3.43
C SER D 78 41.23 30.61 -2.32
N GLY D 79 42.41 30.13 -1.92
CA GLY D 79 42.51 29.16 -0.85
C GLY D 79 41.71 27.90 -1.15
N LEU D 80 41.96 27.29 -2.30
CA LEU D 80 41.15 26.17 -2.76
C LEU D 80 41.08 25.06 -1.71
N GLN D 81 39.88 24.55 -1.51
CA GLN D 81 39.59 23.50 -0.55
C GLN D 81 38.70 22.49 -1.24
N ALA D 82 38.63 21.29 -0.66
CA ALA D 82 37.95 20.18 -1.33
C ALA D 82 36.50 20.53 -1.69
N GLU D 83 35.83 21.30 -0.84
CA GLU D 83 34.43 21.64 -1.09
C GLU D 83 34.28 22.49 -2.33
N ASP D 84 35.34 23.13 -2.80
CA ASP D 84 35.28 23.96 -4.00
C ASP D 84 35.26 23.14 -5.28
N ASP D 85 35.60 21.86 -5.20
CA ASP D 85 35.55 20.95 -6.35
C ASP D 85 34.09 20.81 -6.78
N ALA D 86 33.75 21.38 -7.92
CA ALA D 86 32.36 21.57 -8.30
C ALA D 86 32.31 22.14 -9.72
N ASP D 87 31.09 22.27 -10.23
CA ASP D 87 30.83 22.97 -11.47
C ASP D 87 30.48 24.42 -11.17
N TYR D 88 30.93 25.32 -12.02
CA TYR D 88 30.66 26.75 -11.87
C TYR D 88 30.05 27.30 -13.15
N TYR D 89 28.91 27.95 -13.01
CA TYR D 89 28.19 28.53 -14.13
C TYR D 89 28.10 30.04 -13.96
N CYS D 90 28.18 30.76 -15.06
CA CYS D 90 27.85 32.17 -15.04
C CYS D 90 26.56 32.41 -15.81
N SER D 91 25.94 33.55 -15.54
CA SER D 91 24.74 33.98 -16.26
C SER D 91 24.77 35.49 -16.38
N SER D 92 24.07 35.99 -17.38
CA SER D 92 23.95 37.42 -17.58
C SER D 92 22.61 37.69 -18.25
N TYR D 93 21.86 38.62 -17.69
CA TYR D 93 20.65 39.11 -18.34
C TYR D 93 21.02 40.04 -19.48
N GLY D 94 20.34 39.88 -20.60
CA GLY D 94 20.57 40.75 -21.74
C GLY D 94 19.33 41.57 -22.03
N GLY D 95 19.12 41.91 -23.29
CA GLY D 95 17.88 42.55 -23.66
C GLY D 95 16.77 41.54 -23.88
N ASP D 96 15.54 42.05 -23.92
CA ASP D 96 14.38 41.26 -24.30
C ASP D 96 14.09 40.14 -23.31
N ASN D 97 14.34 40.37 -22.02
CA ASN D 97 14.11 39.39 -20.97
C ASN D 97 14.90 38.10 -21.19
N ASN D 98 15.95 38.15 -21.99
CA ASN D 98 16.81 37.00 -22.18
C ASN D 98 17.75 36.84 -21.00
N LEU D 99 18.03 35.58 -20.66
CA LEU D 99 19.00 35.24 -19.63
C LEU D 99 19.99 34.27 -20.26
N PHE D 100 21.25 34.67 -20.32
CA PHE D 100 22.30 33.88 -20.95
C PHE D 100 23.09 33.12 -19.89
N PHE D 101 23.43 31.87 -20.17
CA PHE D 101 24.25 31.04 -19.31
C PHE D 101 25.52 30.61 -20.02
N GLY D 102 26.62 30.54 -19.25
CA GLY D 102 27.81 29.87 -19.73
C GLY D 102 27.66 28.36 -19.72
N GLY D 103 28.56 27.69 -20.43
CA GLY D 103 28.53 26.25 -20.50
C GLY D 103 28.98 25.55 -19.24
N GLY D 104 29.59 26.27 -18.30
CA GLY D 104 30.05 25.68 -17.07
C GLY D 104 31.52 25.30 -17.07
N THR D 105 32.21 25.56 -15.97
CA THR D 105 33.60 25.16 -15.77
C THR D 105 33.64 24.15 -14.64
N LYS D 106 34.19 22.96 -14.89
CA LYS D 106 34.44 21.99 -13.83
C LYS D 106 35.78 22.32 -13.18
N VAL D 107 35.74 22.73 -11.92
CA VAL D 107 36.94 23.02 -11.15
C VAL D 107 37.33 21.77 -10.36
N THR D 108 38.54 21.25 -10.62
CA THR D 108 39.07 20.09 -9.92
C THR D 108 40.07 20.56 -8.87
N VAL D 109 39.83 20.19 -7.62
CA VAL D 109 40.81 20.40 -6.55
C VAL D 109 41.70 19.17 -6.51
N LEU D 110 42.94 19.32 -6.97
CA LEU D 110 43.87 18.21 -7.04
C LEU D 110 44.31 17.77 -5.65
N GLY D 111 44.71 16.51 -5.55
CA GLY D 111 45.35 15.99 -4.36
C GLY D 111 44.58 16.19 -3.07
N GLN D 112 43.29 15.85 -3.08
CA GLN D 112 42.51 15.88 -1.86
C GLN D 112 42.97 14.75 -0.94
N PRO D 113 42.70 14.86 0.36
CA PRO D 113 43.26 13.88 1.31
C PRO D 113 42.71 12.49 1.06
N LYS D 114 43.61 11.51 1.04
CA LYS D 114 43.21 10.11 1.06
C LYS D 114 42.59 9.75 2.40
N ALA D 115 41.58 8.86 2.36
CA ALA D 115 40.90 8.42 3.57
C ALA D 115 40.43 7.00 3.37
N ALA D 116 40.70 6.14 4.35
CA ALA D 116 40.25 4.76 4.27
C ALA D 116 38.83 4.65 4.79
N PRO D 117 38.06 3.66 4.31
CA PRO D 117 36.65 3.59 4.68
C PRO D 117 36.43 3.15 6.11
N SER D 118 35.46 3.79 6.74
CA SER D 118 34.81 3.23 7.92
C SER D 118 33.82 2.18 7.43
N VAL D 119 33.98 0.95 7.90
CA VAL D 119 33.19 -0.20 7.47
C VAL D 119 32.38 -0.68 8.66
N THR D 120 31.06 -0.74 8.49
CA THR D 120 30.16 -1.24 9.52
C THR D 120 29.28 -2.32 8.91
N LEU D 121 29.28 -3.50 9.53
CA LEU D 121 28.51 -4.64 9.07
C LEU D 121 27.33 -4.87 9.99
N PHE D 122 26.13 -4.96 9.41
CA PHE D 122 24.90 -5.11 10.17
C PHE D 122 24.30 -6.47 9.89
N PRO D 123 24.01 -7.27 10.91
CA PRO D 123 23.32 -8.54 10.68
C PRO D 123 21.85 -8.31 10.37
N PRO D 124 21.10 -9.35 10.03
CA PRO D 124 19.69 -9.14 9.67
C PRO D 124 18.91 -8.53 10.82
N SER D 125 18.06 -7.57 10.49
CA SER D 125 17.22 -6.92 11.49
C SER D 125 16.13 -7.87 11.96
N SER D 126 15.53 -7.53 13.11
CA SER D 126 14.45 -8.35 13.65
C SER D 126 13.23 -8.31 12.74
N GLU D 127 12.84 -7.11 12.29
CA GLU D 127 11.65 -6.99 11.44
C GLU D 127 11.80 -7.83 10.18
N GLU D 128 12.92 -7.68 9.45
CA GLU D 128 13.03 -8.36 8.17
C GLU D 128 13.09 -9.88 8.33
N LEU D 129 13.65 -10.37 9.43
CA LEU D 129 13.65 -11.82 9.68
C LEU D 129 12.24 -12.35 9.83
N GLN D 130 11.43 -11.70 10.67
CA GLN D 130 10.02 -12.09 10.78
C GLN D 130 9.32 -12.02 9.43
N ALA D 131 9.81 -11.18 8.53
CA ALA D 131 9.28 -11.08 7.17
C ALA D 131 9.93 -12.09 6.23
N ASN D 132 10.61 -13.10 6.77
CA ASN D 132 11.27 -14.14 5.98
C ASN D 132 12.35 -13.57 5.06
N LYS D 133 13.06 -12.55 5.54
CA LYS D 133 14.17 -11.94 4.84
C LYS D 133 15.37 -11.85 5.77
N ALA D 134 16.57 -11.97 5.21
CA ALA D 134 17.80 -11.87 6.01
C ALA D 134 18.88 -11.11 5.26
N THR D 135 18.54 -9.94 4.74
CA THR D 135 19.54 -9.14 4.03
C THR D 135 20.53 -8.52 5.03
N LEU D 136 21.82 -8.63 4.72
CA LEU D 136 22.88 -7.97 5.46
C LEU D 136 23.34 -6.73 4.70
N VAL D 137 23.73 -5.70 5.44
CA VAL D 137 24.25 -4.48 4.83
C VAL D 137 25.63 -4.18 5.38
N CYS D 138 26.54 -3.86 4.48
CA CYS D 138 27.89 -3.40 4.77
C CYS D 138 27.95 -1.92 4.42
N LEU D 139 27.98 -1.06 5.43
CA LEU D 139 28.05 0.37 5.20
C LEU D 139 29.50 0.81 5.12
N ILE D 140 29.80 1.57 4.07
CA ILE D 140 31.16 1.96 3.73
C ILE D 140 31.14 3.47 3.53
N SER D 141 31.70 4.21 4.49
CA SER D 141 31.59 5.67 4.46
C SER D 141 32.95 6.34 4.64
N ASP D 142 33.04 7.57 4.13
CA ASP D 142 34.11 8.51 4.46
C ASP D 142 35.45 8.09 3.87
N PHE D 143 35.42 7.51 2.67
CA PHE D 143 36.65 7.12 2.00
C PHE D 143 36.91 8.02 0.80
N TYR D 144 38.19 8.13 0.44
CA TYR D 144 38.61 8.95 -0.68
C TYR D 144 39.92 8.40 -1.19
N PRO D 145 40.09 8.26 -2.52
CA PRO D 145 39.13 8.56 -3.59
C PRO D 145 37.95 7.59 -3.60
N GLY D 146 37.13 7.62 -4.65
CA GLY D 146 35.85 6.94 -4.67
C GLY D 146 35.85 5.49 -5.09
N ALA D 147 36.99 4.92 -5.46
CA ALA D 147 37.01 3.56 -5.94
C ALA D 147 37.11 2.59 -4.76
N VAL D 148 36.20 1.62 -4.70
CA VAL D 148 36.26 0.53 -3.73
C VAL D 148 35.74 -0.74 -4.39
N THR D 149 36.19 -1.88 -3.88
CA THR D 149 35.64 -3.17 -4.29
C THR D 149 35.27 -3.94 -3.03
N VAL D 150 34.26 -4.80 -3.17
CA VAL D 150 33.69 -5.50 -2.04
C VAL D 150 33.57 -6.97 -2.39
N ALA D 151 33.89 -7.83 -1.43
CA ALA D 151 33.75 -9.28 -1.56
C ALA D 151 33.14 -9.78 -0.27
N TRP D 152 32.23 -10.75 -0.38
CA TRP D 152 31.56 -11.33 0.77
C TRP D 152 32.03 -12.77 0.97
N LYS D 153 32.03 -13.20 2.22
CA LYS D 153 32.38 -14.56 2.62
C LYS D 153 31.24 -15.18 3.41
N ALA D 154 31.01 -16.46 3.17
CA ALA D 154 30.12 -17.28 3.99
C ALA D 154 31.01 -18.28 4.72
N ASP D 155 31.08 -18.17 6.04
CA ASP D 155 32.17 -18.82 6.77
C ASP D 155 33.46 -18.31 6.13
N SER D 156 34.38 -19.16 5.69
CA SER D 156 35.59 -18.71 5.03
C SER D 156 35.47 -18.72 3.49
N SER D 157 34.34 -19.14 2.96
CA SER D 157 34.20 -19.36 1.52
C SER D 157 33.59 -18.14 0.82
N PRO D 158 34.01 -17.84 -0.41
CA PRO D 158 33.43 -16.68 -1.11
C PRO D 158 31.95 -16.84 -1.37
N VAL D 159 31.25 -15.70 -1.32
CA VAL D 159 29.87 -15.57 -1.78
C VAL D 159 29.92 -14.98 -3.18
N LYS D 160 29.22 -15.60 -4.12
CA LYS D 160 29.18 -15.09 -5.49
C LYS D 160 27.78 -14.69 -5.95
N ALA D 161 26.73 -14.98 -5.18
CA ALA D 161 25.36 -14.66 -5.56
C ALA D 161 24.71 -13.80 -4.50
N GLY D 162 23.85 -12.90 -4.94
CA GLY D 162 23.06 -12.11 -4.03
C GLY D 162 23.70 -10.83 -3.58
N VAL D 163 24.79 -10.40 -4.22
CA VAL D 163 25.53 -9.21 -3.81
C VAL D 163 25.11 -8.04 -4.68
N GLU D 164 24.96 -6.88 -4.06
CA GLU D 164 24.82 -5.61 -4.76
C GLU D 164 25.57 -4.55 -3.99
N THR D 165 26.33 -3.73 -4.70
CA THR D 165 27.04 -2.62 -4.08
C THR D 165 26.69 -1.35 -4.84
N THR D 166 26.25 -0.34 -4.12
CA THR D 166 25.89 0.91 -4.76
C THR D 166 27.13 1.64 -5.28
N THR D 167 26.89 2.49 -6.26
CA THR D 167 27.95 3.28 -6.84
C THR D 167 28.37 4.35 -5.83
N PRO D 168 29.65 4.44 -5.49
CA PRO D 168 30.07 5.42 -4.48
C PRO D 168 29.61 6.82 -4.86
N SER D 169 29.03 7.52 -3.89
CA SER D 169 28.63 8.91 -4.06
C SER D 169 29.32 9.79 -3.03
N LYS D 170 29.64 11.01 -3.45
CA LYS D 170 30.27 11.97 -2.55
C LYS D 170 29.23 12.56 -1.62
N GLN D 171 29.50 12.52 -0.32
CA GLN D 171 28.59 13.05 0.68
C GLN D 171 29.01 14.46 1.07
N SER D 172 28.37 15.00 2.11
CA SER D 172 28.50 16.42 2.42
C SER D 172 29.91 16.77 2.86
N ASN D 173 30.63 15.81 3.45
CA ASN D 173 32.02 16.01 3.86
C ASN D 173 33.00 15.76 2.74
N ASN D 174 32.52 15.65 1.50
CA ASN D 174 33.35 15.52 0.30
C ASN D 174 34.10 14.21 0.24
N LYS D 175 33.70 13.23 1.04
CA LYS D 175 34.22 11.87 0.93
C LYS D 175 33.09 10.95 0.49
N TYR D 176 33.48 9.78 -0.03
CA TYR D 176 32.53 8.89 -0.68
C TYR D 176 31.92 7.91 0.30
N ALA D 177 30.68 7.51 0.01
CA ALA D 177 29.99 6.52 0.82
C ALA D 177 29.28 5.53 -0.10
N ALA D 178 29.18 4.29 0.37
CA ALA D 178 28.47 3.28 -0.40
C ALA D 178 28.02 2.18 0.55
N SER D 179 27.07 1.37 0.09
CA SER D 179 26.63 0.20 0.82
C SER D 179 26.66 -1.03 -0.09
N SER D 180 27.09 -2.14 0.47
CA SER D 180 26.92 -3.43 -0.17
C SER D 180 25.91 -4.21 0.66
N TYR D 181 24.95 -4.84 0.00
CA TYR D 181 23.93 -5.59 0.71
C TYR D 181 23.86 -6.99 0.12
N LEU D 182 23.77 -7.97 1.01
CA LEU D 182 23.73 -9.38 0.65
C LEU D 182 22.36 -9.91 1.01
N SER D 183 21.62 -10.38 0.00
CA SER D 183 20.24 -10.82 0.19
C SER D 183 20.25 -12.33 0.43
N LEU D 184 20.32 -12.71 1.70
CA LEU D 184 20.24 -14.10 2.10
C LEU D 184 18.82 -14.47 2.52
N THR D 185 18.50 -15.75 2.37
CA THR D 185 17.32 -16.24 3.03
C THR D 185 17.63 -16.47 4.51
N PRO D 186 16.61 -16.43 5.37
CA PRO D 186 16.87 -16.71 6.79
C PRO D 186 17.57 -18.03 7.01
N GLU D 187 17.24 -19.04 6.21
CA GLU D 187 17.88 -20.35 6.34
C GLU D 187 19.37 -20.25 6.02
N GLN D 188 19.71 -19.53 4.95
CA GLN D 188 21.12 -19.31 4.63
C GLN D 188 21.85 -18.64 5.78
N TRP D 189 21.23 -17.63 6.38
CA TRP D 189 21.86 -16.90 7.48
C TRP D 189 22.09 -17.79 8.68
N LYS D 190 21.06 -18.57 9.06
CA LYS D 190 21.15 -19.41 10.26
C LYS D 190 22.03 -20.63 10.06
N SER D 191 22.28 -21.04 8.81
CA SER D 191 23.01 -22.28 8.56
C SER D 191 24.53 -22.10 8.55
N HIS D 192 25.02 -20.87 8.67
CA HIS D 192 26.45 -20.59 8.65
C HIS D 192 26.92 -20.07 10.00
N ARG D 193 28.22 -20.17 10.24
CA ARG D 193 28.78 -19.69 11.50
C ARG D 193 28.99 -18.18 11.47
N SER D 194 29.29 -17.63 10.29
CA SER D 194 29.41 -16.19 10.14
C SER D 194 29.29 -15.84 8.67
N TYR D 195 29.10 -14.55 8.42
CA TYR D 195 29.30 -13.93 7.13
C TYR D 195 30.26 -12.78 7.30
N SER D 196 31.04 -12.49 6.26
CA SER D 196 32.00 -11.40 6.32
C SER D 196 31.86 -10.51 5.10
N CYS D 197 32.10 -9.22 5.31
CA CYS D 197 32.22 -8.21 4.27
C CYS D 197 33.67 -7.73 4.23
N GLN D 198 34.28 -7.84 3.05
CA GLN D 198 35.66 -7.41 2.86
C GLN D 198 35.68 -6.25 1.88
N VAL D 199 36.23 -5.12 2.31
CA VAL D 199 36.28 -3.89 1.53
C VAL D 199 37.74 -3.60 1.20
N THR D 200 38.02 -3.40 -0.09
CA THR D 200 39.36 -3.11 -0.58
C THR D 200 39.40 -1.70 -1.14
N HIS D 201 40.22 -0.84 -0.54
CA HIS D 201 40.35 0.56 -0.94
C HIS D 201 41.82 0.92 -0.95
N GLU D 202 42.31 1.44 -2.08
CA GLU D 202 43.71 1.81 -2.25
C GLU D 202 44.62 0.69 -1.74
N GLY D 203 44.37 -0.52 -2.22
CA GLY D 203 45.23 -1.65 -1.94
C GLY D 203 45.25 -2.14 -0.51
N SER D 204 44.39 -1.60 0.36
CA SER D 204 44.24 -2.09 1.73
C SER D 204 42.84 -2.64 1.92
N THR D 205 42.74 -3.75 2.63
CA THR D 205 41.47 -4.43 2.85
C THR D 205 41.08 -4.39 4.32
N VAL D 206 39.81 -4.10 4.57
CA VAL D 206 39.19 -4.14 5.89
C VAL D 206 38.15 -5.25 5.87
N GLU D 207 38.07 -6.01 6.95
CA GLU D 207 37.17 -7.15 7.03
C GLU D 207 36.32 -7.06 8.28
N LYS D 208 35.03 -7.23 8.12
CA LYS D 208 34.09 -7.29 9.22
C LYS D 208 33.34 -8.61 9.14
N THR D 209 33.00 -9.14 10.32
CA THR D 209 32.38 -10.44 10.45
C THR D 209 31.26 -10.34 11.47
N VAL D 210 30.10 -10.89 11.13
CA VAL D 210 28.97 -11.00 12.06
C VAL D 210 28.48 -12.43 12.04
N ALA D 211 27.84 -12.83 13.14
CA ALA D 211 27.36 -14.19 13.34
C ALA D 211 25.95 -14.17 13.87
N PRO D 212 25.14 -15.20 13.58
CA PRO D 212 23.77 -15.22 14.08
C PRO D 212 23.67 -15.24 15.61
P PO4 E . 8.78 -3.26 2.22
O1 PO4 E . 8.01 -3.74 0.94
O2 PO4 E . 7.93 -3.63 3.50
O3 PO4 E . 10.18 -3.96 2.29
O4 PO4 E . 8.99 -1.70 2.17
C1 A1AH0 F . -24.26 -32.46 4.36
C10 A1AH0 F . -18.88 -27.11 4.82
C11 A1AH0 F . -18.05 -26.12 4.07
C12 A1AH0 F . -20.09 -27.57 4.33
C13 A1AH0 F . -17.10 -27.08 6.59
C14 A1AH0 F . -15.89 -27.71 5.89
C15 A1AH0 F . -15.65 -29.46 7.74
C16 A1AH0 F . -15.20 -30.95 7.69
C17 A1AH0 F . -15.00 -30.00 5.54
C18 A1AH0 F . -14.01 -31.16 8.64
C19 A1AH0 F . -13.71 -32.62 8.90
C2 A1AH0 F . -25.04 -31.18 4.52
C20 A1AH0 F . -16.11 -32.55 9.42
C21 A1AH0 F . -16.34 -31.91 8.05
C22 A1AH0 F . -14.77 -34.59 9.91
C23 A1AH0 F . -13.66 -36.10 11.23
C24 A1AH0 F . -14.49 -37.13 10.85
C25 A1AH0 F . -16.51 -37.64 9.38
C26 A1AH0 F . -16.72 -35.63 8.61
C27 A1AH0 F . -15.65 -35.60 9.47
C28 A1AH0 F . -25.14 -28.74 4.87
C29 A1AH0 F . -25.58 -28.66 6.21
C3 A1AH0 F . -24.21 -29.87 4.45
C30 A1AH0 F . -26.41 -27.64 6.62
C31 A1AH0 F . -26.84 -26.68 5.74
C32 A1AH0 F . -26.43 -26.74 4.43
C33 A1AH0 F . -25.60 -27.76 3.99
C4 A1AH0 F . -23.60 -29.69 3.06
C5 A1AH0 F . -22.54 -28.62 3.25
C6 A1AH0 F . -22.93 -29.86 5.31
C7 A1AH0 F . -20.84 -28.49 5.07
C8 A1AH0 F . -20.36 -28.95 6.29
C9 A1AH0 F . -19.12 -28.49 6.82
N1 A1AH0 F . -22.03 -28.95 4.58
N2 A1AH0 F . -18.39 -27.56 6.05
N3 A1AH0 F . -15.53 -29.04 6.35
N4 A1AH0 F . -14.81 -31.11 6.29
N5 A1AH0 F . -14.87 -33.34 9.42
N6 A1AH0 F . -13.77 -34.85 10.76
N7 A1AH0 F . -15.53 -36.90 9.95
N8 A1AH0 F . -17.26 -36.88 8.55
O1 A1AH0 F . -14.71 -29.87 4.36
O2 A1AH0 F . -18.64 -28.85 7.90
H1 A1AH0 F . -24.87 -33.23 4.40
H2 A1AH0 F . -23.60 -32.55 5.06
H3 A1AH0 F . -23.81 -32.46 3.49
H15 A1AH0 F . -17.67 -25.48 4.68
H13 A1AH0 F . -18.61 -25.67 3.42
H14 A1AH0 F . -17.34 -26.59 3.60
H16 A1AH0 F . -20.41 -27.25 3.50
H17 A1AH0 F . -17.05 -27.30 7.54
H18 A1AH0 F . -17.05 -26.12 6.50
H19 A1AH0 F . -15.13 -27.11 6.02
H20 A1AH0 F . -16.08 -27.75 4.93
H22 A1AH0 F . -16.56 -29.37 8.05
H21 A1AH0 F . -15.06 -28.93 8.31
H25 A1AH0 F . -14.21 -30.71 9.50
H24 A1AH0 F . -13.22 -30.73 8.26
H26 A1AH0 F . -12.98 -32.70 9.54
H27 A1AH0 F . -13.43 -33.04 8.05
H4 A1AH0 F . -25.50 -31.21 5.39
H5 A1AH0 F . -25.73 -31.14 3.82
H28 A1AH0 F . -16.05 -31.85 10.10
H29 A1AH0 F . -16.87 -33.14 9.63
H31 A1AH0 F . -17.19 -31.43 8.05
H30 A1AH0 F . -16.38 -32.62 7.37
H32 A1AH0 F . -12.98 -36.27 11.84
H33 A1AH0 F . -14.36 -37.98 11.21
H34 A1AH0 F . -16.65 -38.55 9.53
H35 A1AH0 F . -17.05 -34.91 8.12
H36 A1AH0 F . -25.29 -29.31 6.81
H37 A1AH0 F . -26.69 -27.61 7.53
H38 A1AH0 F . -27.42 -26.00 6.02
H39 A1AH0 F . -26.72 -26.08 3.82
H40 A1AH0 F . -25.33 -27.80 3.09
H7 A1AH0 F . -24.27 -29.41 2.41
H6 A1AH0 F . -23.18 -30.53 2.75
H8 A1AH0 F . -22.94 -27.72 3.23
H9 A1AH0 F . -21.84 -28.67 2.57
H11 A1AH0 F . -23.11 -29.51 6.21
H10 A1AH0 F . -22.54 -30.76 5.37
H12 A1AH0 F . -20.87 -29.57 6.79
H23 A1AH0 F . -14.49 -31.90 5.97
P PO4 G . -19.18 -35.79 25.50
O1 PO4 G . -19.66 -37.26 25.62
O2 PO4 G . -19.42 -35.07 26.87
O3 PO4 G . -17.65 -35.75 25.14
O4 PO4 G . -19.97 -35.03 24.38
P PO4 H . 16.41 6.29 -16.04
O1 PO4 H . 17.56 6.99 -16.86
O2 PO4 H . 15.41 5.57 -17.03
O3 PO4 H . 17.06 5.26 -15.07
O4 PO4 H . 15.59 7.35 -15.23
C1 A1AH0 I . 19.23 30.86 -12.06
C10 A1AH0 I . 18.90 27.23 -5.35
C11 A1AH0 I . 18.15 26.25 -4.51
C12 A1AH0 I . 18.77 27.27 -6.72
C13 A1AH0 I . 19.90 28.08 -3.22
C14 A1AH0 I . 18.74 28.75 -2.49
C15 A1AH0 I . 20.13 30.84 -1.98
C16 A1AH0 I . 19.80 32.34 -2.18
C17 A1AH0 I . 17.84 31.07 -2.45
C18 A1AH0 I . 20.15 33.19 -0.95
C19 A1AH0 I . 19.72 34.63 -1.16
C2 A1AH0 I . 19.89 29.52 -12.30
C20 A1AH0 I . 20.15 34.40 -3.60
C21 A1AH0 I . 20.54 32.93 -3.38
C22 A1AH0 I . 20.65 36.52 -2.38
C23 A1AH0 I . 21.42 38.31 -1.17
C24 A1AH0 I . 21.31 39.16 -2.23
C25 A1AH0 I . 20.62 39.23 -4.69
C26 A1AH0 I . 20.05 37.16 -4.83
C27 A1AH0 I . 20.49 37.34 -3.52
C28 A1AH0 I . 20.73 27.34 -11.51
C29 A1AH0 I . 22.11 27.55 -11.50
C3 A1AH0 I . 19.80 28.50 -11.14
C30 A1AH0 I . 22.98 26.53 -11.84
C31 A1AH0 I . 22.51 25.29 -12.20
C32 A1AH0 I . 21.15 25.07 -12.22
C33 A1AH0 I . 20.27 26.09 -11.89
C4 A1AH0 I . 18.34 28.08 -10.91
C5 A1AH0 I . 18.37 27.40 -9.56
C6 A1AH0 I . 20.13 29.06 -9.75
C7 A1AH0 I . 19.49 28.19 -7.47
C8 A1AH0 I . 20.34 29.09 -6.84
C9 A1AH0 I . 20.49 29.07 -5.42
N1 A1AH0 I . 19.34 28.22 -8.84
N2 A1AH0 I . 19.75 28.13 -4.70
N3 A1AH0 I . 18.88 30.19 -2.34
N4 A1AH0 I . 18.35 32.32 -2.40
N5 A1AH0 I . 20.26 35.23 -2.39
N6 A1AH0 I . 21.08 37.01 -1.22
N7 A1AH0 I . 20.84 38.69 -3.45
N8 A1AH0 I . 20.14 38.31 -5.54
O1 A1AH0 I . 16.65 30.77 -2.57
O2 A1AH0 I . 21.24 29.84 -4.79
H1 A1AH0 I . 19.30 31.40 -12.86
H2 A1AH0 I . 19.66 31.31 -11.32
H3 A1AH0 I . 18.29 30.72 -11.86
H15 A1AH0 I . 18.77 25.83 -3.89
H13 A1AH0 I . 17.75 25.58 -5.08
H14 A1AH0 I . 17.47 26.71 -4.01
H16 A1AH0 I . 18.19 26.66 -7.15
H17 A1AH0 I . 20.73 28.53 -2.97
H18 A1AH0 I . 19.96 27.15 -2.93
H19 A1AH0 I . 18.66 28.36 -1.60
H20 A1AH0 I . 17.91 28.56 -2.98
H22 A1AH0 I . 20.86 30.56 -2.56
H21 A1AH0 I . 20.36 30.64 -1.05
H25 A1AH0 I . 21.12 33.16 -0.79
H24 A1AH0 I . 19.71 32.83 -0.16
H26 A1AH0 I . 20.02 35.17 -0.40
H27 A1AH0 I . 18.75 34.67 -1.20
H4 A1AH0 I . 20.84 29.68 -12.49
H5 A1AH0 I . 19.49 29.11 -13.09
H28 A1AH0 I . 20.72 34.77 -4.30
H29 A1AH0 I . 19.22 34.42 -3.91
H31 A1AH0 I . 21.50 32.88 -3.23
H30 A1AH0 I . 20.33 32.42 -4.18
H32 A1AH0 I . 21.76 38.65 -0.36
H33 A1AH0 I . 21.55 40.05 -2.15
H34 A1AH0 I . 20.79 40.12 -4.91
H35 A1AH0 I . 19.74 36.35 -5.18
H36 A1AH0 I . 22.45 28.39 -11.25
H37 A1AH0 I . 23.91 26.69 -11.82
H38 A1AH0 I . 23.11 24.60 -12.42
H39 A1AH0 I . 20.82 24.22 -12.48
H40 A1AH0 I . 19.34 25.92 -11.93
H7 A1AH0 I . 18.04 27.47 -11.61
H6 A1AH0 I . 17.76 28.88 -10.90
H8 A1AH0 I . 18.66 26.47 -9.63
H9 A1AH0 I . 17.49 27.42 -9.13
H11 A1AH0 I . 21.09 28.99 -9.55
H10 A1AH0 I . 19.86 30.00 -9.68
H12 A1AH0 I . 20.82 29.73 -7.35
H23 A1AH0 I . 17.86 33.08 -2.48
P PO4 J . 35.16 -20.08 16.38
O1 PO4 J . 35.96 -18.79 16.80
O2 PO4 J . 36.17 -21.19 15.94
O3 PO4 J . 34.29 -20.55 17.60
O4 PO4 J . 34.22 -19.77 15.16
P PO4 K . 36.18 41.23 -2.66
O1 PO4 K . 35.72 39.97 -3.45
O2 PO4 K . 35.28 41.38 -1.38
O3 PO4 K . 37.68 41.07 -2.22
O4 PO4 K . 36.04 42.50 -3.56
#